data_6CBY
#
_entry.id   6CBY
#
_cell.length_a   57.819
_cell.length_b   117.579
_cell.length_c   65.013
_cell.angle_alpha   90.00
_cell.angle_beta   92.42
_cell.angle_gamma   90.00
#
_symmetry.space_group_name_H-M   'P 1 21 1'
#
loop_
_entity.id
_entity.type
_entity.pdbx_description
1 polymer 'N-lysine methyltransferase SMYD2'
2 non-polymer 'ZINC ION'
3 non-polymer [3-(4-amino-6-methyl-1H-imidazo[4,5-c]pyridin-1-yl)-3-methylazetidin-1-yl][1-({1-[(1R)-cyclohept-2-en-1-yl]piperidin-4-yl}methyl)-1H-pyrrol-3-yl]methanone
4 water water
#
_entity_poly.entity_id   1
_entity_poly.type   'polypeptide(L)'
_entity_poly.pdbx_seq_one_letter_code
;GMRAEGLGGLERFCSPGKGRGLRALQPFQVGDLLFSCPAYAYVLTVNERGNHCEYCFTRKEGLSKCGRCKQAFYCNVECQ
KEDWPMHKLECSPMVVFGENWNPSETVRLTARILAKQKIHPERTPSEKLLAVKEFESHLDKLDNEKKDLIQSDIAALHHF
YSKHLEFPDNDSLVVLFAQVNCNGFTIEDEELSHLGSAIFPDVALMNHSCCPNVIVTYKGTLAEVRAVQEIKPGEEVFTS
YIDLLYPTEDRNDRLRDSYFFTCECQECTTKDKDKAKVEIRKLSDPPKAEAIRDMVRYARNVIEEFRRAKHYKSPSELLE
ICELSQEKMSSVFEDSNVYMLHMMYQAMGVCLYMQDWEGALQYGQKIIKPYSKHYPLYSLNVASMWLKLGRLYMGLEHKA
AGEKALKKAIAIMEVAHGKDHPYISEIKQEIESH
;
_entity_poly.pdbx_strand_id   A,B
#
# COMPACT_ATOMS: atom_id res chain seq x y z
N GLY A 6 17.52 -17.39 -35.81
CA GLY A 6 18.43 -18.52 -35.61
C GLY A 6 17.91 -19.56 -34.64
N LEU A 7 18.77 -19.93 -33.65
CA LEU A 7 18.54 -20.93 -32.57
C LEU A 7 18.38 -22.34 -33.15
N GLY A 8 19.50 -23.07 -33.16
CA GLY A 8 19.64 -24.42 -33.71
C GLY A 8 18.57 -25.41 -33.34
N GLY A 9 17.74 -25.75 -34.32
CA GLY A 9 16.66 -26.72 -34.13
C GLY A 9 15.38 -26.21 -33.52
N LEU A 10 15.14 -24.89 -33.63
CA LEU A 10 13.95 -24.23 -33.11
C LEU A 10 13.54 -23.14 -34.10
N GLU A 11 12.25 -22.70 -34.05
CA GLU A 11 11.80 -21.57 -34.84
C GLU A 11 10.62 -20.86 -34.21
N ARG A 12 10.60 -19.53 -34.40
CA ARG A 12 9.49 -18.67 -34.03
C ARG A 12 8.41 -18.97 -35.07
N PHE A 13 7.12 -18.91 -34.67
CA PHE A 13 5.97 -19.17 -35.51
C PHE A 13 4.71 -18.48 -34.92
N CYS A 14 3.53 -18.77 -35.47
CA CYS A 14 2.21 -18.30 -35.04
C CYS A 14 1.52 -19.53 -34.49
N SER A 15 1.35 -19.60 -33.17
CA SER A 15 0.66 -20.71 -32.56
C SER A 15 -0.84 -20.39 -32.64
N PRO A 16 -1.65 -21.26 -33.31
CA PRO A 16 -3.08 -20.99 -33.47
C PRO A 16 -3.81 -20.80 -32.16
N GLY A 17 -4.65 -19.78 -32.11
CA GLY A 17 -5.43 -19.44 -30.93
C GLY A 17 -4.68 -18.73 -29.85
N LYS A 18 -3.34 -18.50 -30.04
CA LYS A 18 -2.44 -17.86 -29.05
C LYS A 18 -1.66 -16.68 -29.66
N GLY A 19 -0.70 -16.96 -30.52
CA GLY A 19 0.10 -15.91 -31.14
C GLY A 19 1.52 -16.37 -31.32
N ARG A 20 2.49 -15.45 -31.22
CA ARG A 20 3.93 -15.68 -31.36
C ARG A 20 4.40 -16.76 -30.37
N GLY A 21 5.07 -17.79 -30.89
CA GLY A 21 5.60 -18.87 -30.05
C GLY A 21 6.92 -19.47 -30.50
N LEU A 22 7.38 -20.46 -29.74
CA LEU A 22 8.57 -21.23 -30.07
C LEU A 22 8.15 -22.69 -30.31
N ARG A 23 8.71 -23.30 -31.35
CA ARG A 23 8.43 -24.66 -31.79
C ARG A 23 9.73 -25.44 -32.05
N ALA A 24 9.78 -26.73 -31.63
CA ALA A 24 10.94 -27.59 -31.91
C ALA A 24 10.88 -28.06 -33.37
N LEU A 25 12.05 -28.15 -34.01
CA LEU A 25 12.23 -28.59 -35.39
C LEU A 25 12.94 -29.97 -35.43
N GLN A 26 13.48 -30.37 -34.28
CA GLN A 26 14.17 -31.63 -34.03
C GLN A 26 13.69 -32.20 -32.67
N PRO A 27 13.84 -33.50 -32.35
CA PRO A 27 13.35 -33.98 -31.03
C PRO A 27 14.22 -33.51 -29.87
N PHE A 28 13.63 -33.45 -28.68
CA PHE A 28 14.36 -33.09 -27.46
C PHE A 28 13.93 -34.06 -26.36
N GLN A 29 14.87 -34.87 -25.87
CA GLN A 29 14.58 -35.81 -24.78
C GLN A 29 14.64 -35.04 -23.46
N VAL A 30 14.12 -35.63 -22.36
CA VAL A 30 14.09 -35.04 -21.02
C VAL A 30 15.53 -34.70 -20.52
N GLY A 31 15.76 -33.43 -20.19
CA GLY A 31 17.04 -32.98 -19.66
C GLY A 31 17.91 -32.27 -20.66
N ASP A 32 17.51 -32.29 -21.95
CA ASP A 32 18.24 -31.67 -23.04
C ASP A 32 18.11 -30.17 -22.98
N LEU A 33 19.22 -29.44 -23.22
CA LEU A 33 19.22 -27.97 -23.25
C LEU A 33 18.66 -27.50 -24.61
N LEU A 34 17.51 -26.80 -24.61
CA LEU A 34 16.94 -26.28 -25.87
C LEU A 34 17.79 -25.10 -26.38
N PHE A 35 17.94 -24.06 -25.53
CA PHE A 35 18.76 -22.88 -25.79
C PHE A 35 19.15 -22.18 -24.45
N SER A 36 19.98 -21.14 -24.57
CA SER A 36 20.42 -20.24 -23.50
C SER A 36 20.21 -18.85 -24.07
N CYS A 37 19.79 -17.90 -23.22
CA CYS A 37 19.50 -16.52 -23.60
C CYS A 37 20.22 -15.59 -22.62
N PRO A 38 21.31 -14.89 -23.05
CA PRO A 38 21.98 -13.94 -22.14
C PRO A 38 21.03 -12.81 -21.72
N ALA A 39 21.20 -12.27 -20.51
CA ALA A 39 20.32 -11.22 -20.00
C ALA A 39 20.51 -9.88 -20.73
N TYR A 40 19.46 -9.40 -21.43
CA TYR A 40 19.47 -8.12 -22.14
C TYR A 40 19.77 -6.98 -21.15
N ALA A 41 19.04 -6.99 -20.02
CA ALA A 41 19.19 -6.04 -18.92
C ALA A 41 18.92 -6.87 -17.69
N TYR A 42 19.53 -6.53 -16.52
CA TYR A 42 19.33 -7.24 -15.23
C TYR A 42 19.74 -6.43 -14.02
N VAL A 43 19.25 -6.83 -12.89
CA VAL A 43 19.55 -6.17 -11.64
C VAL A 43 19.49 -7.18 -10.47
N LEU A 44 20.38 -7.02 -9.50
CA LEU A 44 20.36 -7.81 -8.28
C LEU A 44 19.50 -7.03 -7.29
N THR A 45 18.56 -7.75 -6.64
CA THR A 45 17.65 -7.19 -5.66
C THR A 45 18.48 -6.66 -4.45
N VAL A 46 18.02 -5.54 -3.88
CA VAL A 46 18.58 -4.78 -2.75
C VAL A 46 18.89 -5.68 -1.51
N ASN A 47 17.99 -6.60 -1.16
CA ASN A 47 18.12 -7.45 0.02
C ASN A 47 19.15 -8.58 -0.15
N GLU A 48 19.68 -8.77 -1.37
CA GLU A 48 20.67 -9.82 -1.65
C GLU A 48 22.06 -9.24 -1.98
N ARG A 49 22.25 -7.93 -1.68
CA ARG A 49 23.42 -7.10 -1.97
C ARG A 49 24.73 -7.55 -1.31
N GLY A 50 24.67 -8.06 -0.09
CA GLY A 50 25.90 -8.51 0.58
C GLY A 50 26.37 -9.89 0.20
N ASN A 51 25.41 -10.76 -0.10
CA ASN A 51 25.59 -12.18 -0.42
C ASN A 51 25.99 -12.47 -1.83
N HIS A 52 25.51 -11.62 -2.78
CA HIS A 52 25.71 -11.91 -4.20
C HIS A 52 26.41 -10.82 -4.94
N CYS A 53 27.20 -11.21 -5.95
CA CYS A 53 27.94 -10.33 -6.87
C CYS A 53 26.92 -9.63 -7.72
N GLU A 54 27.08 -8.32 -7.93
CA GLU A 54 26.14 -7.53 -8.74
C GLU A 54 26.15 -7.90 -10.23
N TYR A 55 27.33 -8.32 -10.74
CA TYR A 55 27.51 -8.61 -12.17
C TYR A 55 27.10 -10.05 -12.57
N CYS A 56 27.56 -11.08 -11.83
CA CYS A 56 27.30 -12.46 -12.20
C CYS A 56 26.35 -13.17 -11.24
N PHE A 57 25.93 -12.52 -10.14
CA PHE A 57 24.95 -13.07 -9.18
C PHE A 57 25.46 -14.29 -8.34
N THR A 58 26.76 -14.69 -8.46
CA THR A 58 27.35 -15.79 -7.70
C THR A 58 27.25 -15.51 -6.18
N ARG A 59 26.79 -16.51 -5.38
CA ARG A 59 26.68 -16.39 -3.92
C ARG A 59 28.03 -16.69 -3.23
N LYS A 60 28.63 -15.64 -2.63
CA LYS A 60 29.90 -15.69 -1.90
C LYS A 60 29.89 -14.73 -0.74
N GLU A 61 30.41 -15.17 0.41
CA GLU A 61 30.59 -14.31 1.58
C GLU A 61 32.00 -13.67 1.41
N GLY A 62 32.16 -12.42 1.85
CA GLY A 62 33.45 -11.74 1.77
C GLY A 62 33.82 -11.15 0.41
N LEU A 63 32.81 -10.73 -0.35
CA LEU A 63 32.93 -10.08 -1.66
C LEU A 63 33.56 -8.68 -1.54
N SER A 64 34.33 -8.26 -2.57
CA SER A 64 34.92 -6.93 -2.66
C SER A 64 33.77 -5.90 -2.77
N LYS A 65 33.87 -4.80 -2.03
CA LYS A 65 32.89 -3.72 -1.98
C LYS A 65 33.27 -2.62 -2.98
N CYS A 66 32.28 -1.83 -3.43
CA CYS A 66 32.55 -0.70 -4.32
C CYS A 66 33.05 0.43 -3.45
N GLY A 67 34.27 0.91 -3.73
CA GLY A 67 34.89 1.98 -2.98
C GLY A 67 34.10 3.28 -2.83
N ARG A 68 33.33 3.65 -3.89
CA ARG A 68 32.54 4.90 -3.93
C ARG A 68 31.30 4.86 -3.03
N CYS A 69 30.30 4.03 -3.39
CA CYS A 69 29.00 3.90 -2.69
C CYS A 69 29.05 2.92 -1.53
N LYS A 70 29.89 1.86 -1.66
CA LYS A 70 30.03 0.75 -0.72
C LYS A 70 28.71 -0.04 -0.60
N GLN A 71 27.82 0.10 -1.62
CA GLN A 71 26.51 -0.55 -1.69
C GLN A 71 26.51 -1.74 -2.65
N ALA A 72 27.42 -1.76 -3.63
CA ALA A 72 27.60 -2.83 -4.61
C ALA A 72 28.81 -3.72 -4.25
N PHE A 73 28.64 -5.06 -4.37
CA PHE A 73 29.63 -6.09 -4.01
C PHE A 73 29.95 -6.97 -5.19
N TYR A 74 31.25 -7.27 -5.39
CA TYR A 74 31.77 -8.00 -6.54
C TYR A 74 32.79 -9.05 -6.19
N CYS A 75 32.82 -10.12 -7.01
CA CYS A 75 33.75 -11.26 -6.95
C CYS A 75 35.16 -10.72 -7.00
N ASN A 76 35.49 -10.05 -8.11
CA ASN A 76 36.78 -9.45 -8.42
C ASN A 76 36.58 -8.12 -9.15
N VAL A 77 37.68 -7.41 -9.40
CA VAL A 77 37.73 -6.14 -10.14
C VAL A 77 37.11 -6.34 -11.54
N GLU A 78 37.32 -7.52 -12.13
CA GLU A 78 36.79 -7.88 -13.45
C GLU A 78 35.25 -7.76 -13.45
N CYS A 79 34.53 -8.30 -12.41
CA CYS A 79 33.07 -8.17 -12.32
C CYS A 79 32.66 -6.70 -12.10
N GLN A 80 33.43 -5.97 -11.24
CA GLN A 80 33.28 -4.56 -10.89
C GLN A 80 33.39 -3.66 -12.13
N LYS A 81 34.46 -3.86 -12.94
CA LYS A 81 34.74 -3.10 -14.17
C LYS A 81 33.64 -3.39 -15.20
N GLU A 82 33.33 -4.67 -15.46
CA GLU A 82 32.28 -5.06 -16.41
C GLU A 82 30.88 -4.58 -15.97
N ASP A 83 30.64 -4.42 -14.64
CA ASP A 83 29.36 -3.95 -14.12
C ASP A 83 29.17 -2.42 -14.21
N TRP A 84 30.28 -1.64 -14.10
CA TRP A 84 30.32 -0.16 -14.10
C TRP A 84 29.35 0.52 -15.10
N PRO A 85 29.18 0.08 -16.39
CA PRO A 85 28.25 0.79 -17.30
C PRO A 85 26.82 0.92 -16.79
N MET A 86 26.36 -0.08 -16.03
CA MET A 86 25.02 -0.15 -15.45
C MET A 86 25.02 0.35 -14.00
N HIS A 87 26.13 0.11 -13.27
CA HIS A 87 26.24 0.55 -11.90
C HIS A 87 26.37 2.09 -11.80
N LYS A 88 26.98 2.78 -12.81
CA LYS A 88 27.15 4.25 -12.76
C LYS A 88 25.78 5.01 -12.71
N LEU A 89 24.66 4.33 -13.08
CA LEU A 89 23.30 4.88 -13.07
C LEU A 89 22.77 5.09 -11.64
N GLU A 90 23.26 4.25 -10.71
CA GLU A 90 22.87 4.19 -9.31
C GLU A 90 24.00 4.55 -8.33
N CYS A 91 25.28 4.43 -8.75
CA CYS A 91 26.45 4.64 -7.88
C CYS A 91 26.47 6.05 -7.24
N SER A 92 26.64 7.11 -8.02
CA SER A 92 26.58 8.48 -7.47
C SER A 92 25.17 8.79 -6.83
N PRO A 93 23.99 8.43 -7.44
CA PRO A 93 22.69 8.70 -6.76
C PRO A 93 22.49 8.00 -5.41
N MET A 94 23.16 6.85 -5.17
CA MET A 94 23.09 6.15 -3.88
C MET A 94 23.84 6.92 -2.81
N VAL A 95 24.95 7.58 -3.19
CA VAL A 95 25.78 8.39 -2.29
C VAL A 95 25.02 9.68 -1.95
N VAL A 96 24.44 10.35 -2.96
CA VAL A 96 23.66 11.60 -2.86
C VAL A 96 22.40 11.40 -1.96
N PHE A 97 21.50 10.46 -2.35
CA PHE A 97 20.25 10.16 -1.66
C PHE A 97 20.41 9.38 -0.37
N GLY A 98 21.48 8.57 -0.27
CA GLY A 98 21.76 7.75 0.90
C GLY A 98 20.67 6.74 1.12
N GLU A 99 20.16 6.64 2.36
CA GLU A 99 19.08 5.71 2.76
C GLU A 99 17.72 6.03 2.10
N ASN A 100 17.57 7.24 1.49
CA ASN A 100 16.35 7.68 0.81
C ASN A 100 16.21 7.08 -0.59
N TRP A 101 17.34 6.61 -1.18
CA TRP A 101 17.46 5.95 -2.47
C TRP A 101 16.50 4.74 -2.48
N ASN A 102 15.34 4.88 -3.10
CA ASN A 102 14.36 3.79 -3.08
C ASN A 102 13.62 3.58 -4.41
N PRO A 103 14.32 3.44 -5.58
CA PRO A 103 13.57 3.09 -6.79
C PRO A 103 13.13 1.62 -6.73
N SER A 104 11.90 1.32 -7.18
CA SER A 104 11.41 -0.06 -7.22
C SER A 104 12.23 -0.88 -8.18
N GLU A 105 12.25 -2.20 -8.00
CA GLU A 105 12.93 -3.08 -8.92
C GLU A 105 12.58 -2.83 -10.40
N THR A 106 11.34 -2.42 -10.69
CA THR A 106 10.93 -2.13 -12.07
C THR A 106 11.68 -0.90 -12.59
N VAL A 107 11.67 0.20 -11.83
CA VAL A 107 12.34 1.45 -12.15
C VAL A 107 13.83 1.18 -12.37
N ARG A 108 14.43 0.39 -11.46
CA ARG A 108 15.83 -0.09 -11.51
C ARG A 108 16.12 -0.83 -12.84
N LEU A 109 15.21 -1.73 -13.27
CA LEU A 109 15.36 -2.49 -14.51
C LEU A 109 15.13 -1.62 -15.77
N THR A 110 14.06 -0.81 -15.79
CA THR A 110 13.72 0.08 -16.92
C THR A 110 14.90 1.06 -17.21
N ALA A 111 15.71 1.40 -16.17
CA ALA A 111 16.85 2.30 -16.25
C ALA A 111 18.01 1.67 -17.08
N ARG A 112 18.31 0.40 -16.77
CA ARG A 112 19.29 -0.45 -17.49
C ARG A 112 18.85 -0.69 -18.93
N ILE A 113 17.50 -0.79 -19.18
CA ILE A 113 16.94 -1.00 -20.53
C ILE A 113 17.26 0.23 -21.39
N LEU A 114 16.98 1.43 -20.85
CA LEU A 114 17.25 2.68 -21.54
C LEU A 114 18.76 2.85 -21.81
N ALA A 115 19.61 2.41 -20.87
CA ALA A 115 21.06 2.49 -21.03
C ALA A 115 21.55 1.56 -22.15
N LYS A 116 21.00 0.32 -22.21
CA LYS A 116 21.29 -0.69 -23.25
C LYS A 116 20.75 -0.23 -24.64
N GLN A 117 19.69 0.61 -24.65
CA GLN A 117 19.10 1.15 -25.88
C GLN A 117 20.01 2.23 -26.50
N LYS A 118 20.66 3.05 -25.66
CA LYS A 118 21.57 4.11 -26.06
C LYS A 118 22.98 3.57 -26.47
N ILE A 119 23.52 2.57 -25.75
CA ILE A 119 24.86 2.07 -26.08
C ILE A 119 24.82 1.03 -27.22
N HIS A 120 23.83 0.13 -27.19
CA HIS A 120 23.63 -0.94 -28.16
C HIS A 120 22.24 -0.83 -28.83
N PRO A 121 21.96 0.20 -29.69
CA PRO A 121 20.61 0.30 -30.29
C PRO A 121 20.25 -0.84 -31.24
N GLU A 122 21.26 -1.53 -31.77
CA GLU A 122 21.10 -2.67 -32.67
C GLU A 122 20.68 -3.95 -31.90
N ARG A 123 20.18 -4.96 -32.64
CA ARG A 123 19.70 -6.25 -32.09
C ARG A 123 20.78 -6.94 -31.28
N THR A 124 20.52 -7.23 -30.00
CA THR A 124 21.49 -7.90 -29.15
C THR A 124 21.42 -9.46 -29.32
N PRO A 125 22.43 -10.26 -28.86
CA PRO A 125 22.27 -11.74 -28.94
C PRO A 125 21.19 -12.27 -27.96
N SER A 126 20.62 -11.36 -27.14
CA SER A 126 19.50 -11.66 -26.24
C SER A 126 18.22 -11.64 -27.07
N GLU A 127 18.27 -11.01 -28.27
CA GLU A 127 17.17 -10.77 -29.20
C GLU A 127 17.29 -11.49 -30.54
N LYS A 128 17.54 -12.80 -30.54
CA LYS A 128 17.67 -13.53 -31.80
C LYS A 128 16.29 -13.80 -32.44
N LEU A 129 15.22 -14.00 -31.66
CA LEU A 129 13.90 -14.27 -32.22
C LEU A 129 12.82 -13.26 -31.80
N LEU A 130 13.12 -12.34 -30.88
CA LEU A 130 12.14 -11.34 -30.42
C LEU A 130 12.89 -10.15 -29.88
N ALA A 131 12.40 -8.94 -30.16
CA ALA A 131 13.04 -7.70 -29.72
C ALA A 131 12.31 -7.12 -28.52
N VAL A 132 13.01 -6.36 -27.67
CA VAL A 132 12.41 -5.68 -26.53
C VAL A 132 11.27 -4.74 -27.05
N LYS A 133 11.55 -3.98 -28.14
CA LYS A 133 10.63 -3.02 -28.79
C LYS A 133 9.37 -3.73 -29.37
N GLU A 134 9.48 -5.04 -29.64
CA GLU A 134 8.42 -5.92 -30.11
C GLU A 134 7.61 -6.45 -28.96
N PHE A 135 8.00 -6.18 -27.67
CA PHE A 135 7.25 -6.71 -26.50
C PHE A 135 5.82 -6.23 -26.41
N GLU A 136 4.97 -7.09 -25.83
CA GLU A 136 3.57 -6.81 -25.53
C GLU A 136 3.56 -5.91 -24.28
N SER A 137 2.72 -4.91 -24.30
CA SER A 137 2.58 -3.96 -23.22
C SER A 137 1.22 -4.06 -22.53
N HIS A 138 0.17 -4.60 -23.22
CA HIS A 138 -1.23 -4.74 -22.74
C HIS A 138 -1.78 -3.42 -22.12
N LEU A 139 -1.32 -2.27 -22.66
CA LEU A 139 -1.66 -0.91 -22.22
C LEU A 139 -3.18 -0.59 -22.29
N ASP A 140 -3.85 -1.16 -23.29
CA ASP A 140 -5.27 -1.06 -23.60
C ASP A 140 -6.11 -1.73 -22.51
N LYS A 141 -5.49 -2.65 -21.76
CA LYS A 141 -6.15 -3.48 -20.74
C LYS A 141 -5.85 -3.11 -19.29
N LEU A 142 -4.83 -2.27 -19.04
CA LEU A 142 -4.45 -1.93 -17.65
C LEU A 142 -5.44 -0.98 -16.98
N ASP A 143 -5.72 -1.26 -15.70
CA ASP A 143 -6.62 -0.44 -14.89
C ASP A 143 -5.95 0.90 -14.46
N ASN A 144 -6.70 1.77 -13.76
CA ASN A 144 -6.21 3.06 -13.27
C ASN A 144 -5.09 2.89 -12.23
N GLU A 145 -5.20 1.84 -11.39
CA GLU A 145 -4.22 1.50 -10.36
C GLU A 145 -2.86 1.25 -11.00
N LYS A 146 -2.79 0.32 -11.98
CA LYS A 146 -1.58 -0.03 -12.73
C LYS A 146 -1.09 1.15 -13.59
N LYS A 147 -2.00 2.04 -14.08
CA LYS A 147 -1.53 3.18 -14.86
C LYS A 147 -0.93 4.27 -13.96
N ASP A 148 -1.47 4.36 -12.72
CA ASP A 148 -1.02 5.30 -11.70
C ASP A 148 0.35 4.88 -11.17
N LEU A 149 0.62 3.57 -11.09
CA LEU A 149 1.91 3.06 -10.66
C LEU A 149 2.95 3.26 -11.76
N ILE A 150 2.55 3.25 -13.04
CA ILE A 150 3.46 3.53 -14.16
C ILE A 150 3.85 5.04 -14.11
N GLN A 151 2.88 5.93 -13.81
CA GLN A 151 3.17 7.35 -13.69
C GLN A 151 4.16 7.59 -12.55
N SER A 152 3.93 6.85 -11.44
CA SER A 152 4.72 6.81 -10.22
C SER A 152 6.14 6.35 -10.50
N ASP A 153 6.28 5.25 -11.27
CA ASP A 153 7.53 4.62 -11.75
C ASP A 153 8.33 5.64 -12.56
N ILE A 154 7.66 6.32 -13.53
CA ILE A 154 8.23 7.35 -14.38
C ILE A 154 8.82 8.47 -13.51
N ALA A 155 8.04 8.98 -12.49
CA ALA A 155 8.49 10.07 -11.60
C ALA A 155 9.74 9.65 -10.83
N ALA A 156 9.79 8.38 -10.42
CA ALA A 156 10.89 7.78 -9.66
C ALA A 156 12.14 7.67 -10.52
N LEU A 157 11.98 7.27 -11.79
CA LEU A 157 13.05 7.18 -12.78
C LEU A 157 13.70 8.56 -12.95
N HIS A 158 12.87 9.59 -13.05
CA HIS A 158 13.28 10.97 -13.20
C HIS A 158 13.94 11.51 -11.95
N HIS A 159 13.35 11.18 -10.79
CA HIS A 159 13.81 11.65 -9.50
C HIS A 159 15.13 11.01 -9.09
N PHE A 160 15.34 9.72 -9.39
CA PHE A 160 16.54 9.01 -8.96
C PHE A 160 17.60 8.83 -10.06
N TYR A 161 17.25 8.91 -11.36
CA TYR A 161 18.24 8.70 -12.44
C TYR A 161 18.44 9.97 -13.30
N SER A 162 17.95 11.14 -12.84
CA SER A 162 18.03 12.45 -13.53
C SER A 162 19.41 12.74 -14.19
N LYS A 163 20.48 12.44 -13.46
CA LYS A 163 21.85 12.78 -13.79
C LYS A 163 22.58 11.81 -14.74
N HIS A 164 22.16 10.54 -14.82
CA HIS A 164 22.90 9.58 -15.65
C HIS A 164 22.18 9.21 -16.98
N LEU A 165 20.87 9.53 -17.13
CA LEU A 165 20.08 9.20 -18.31
C LEU A 165 19.41 10.38 -19.01
N GLU A 166 19.19 10.23 -20.33
CA GLU A 166 18.41 11.12 -21.20
C GLU A 166 17.10 10.34 -21.38
N PHE A 167 15.97 10.93 -21.03
CA PHE A 167 14.71 10.21 -21.03
C PHE A 167 13.84 10.46 -22.28
N PRO A 168 13.16 9.40 -22.80
CA PRO A 168 12.20 9.62 -23.91
C PRO A 168 10.92 10.25 -23.33
N ASP A 169 9.96 10.67 -24.16
CA ASP A 169 8.73 11.32 -23.67
C ASP A 169 7.87 10.35 -22.83
N ASN A 170 6.86 10.92 -22.11
CA ASN A 170 5.96 10.21 -21.20
C ASN A 170 5.34 8.98 -21.83
N ASP A 171 4.78 9.12 -23.05
CA ASP A 171 4.13 8.08 -23.86
C ASP A 171 5.10 6.96 -24.23
N SER A 172 6.36 7.29 -24.52
CA SER A 172 7.32 6.25 -24.80
C SER A 172 7.61 5.47 -23.51
N LEU A 173 7.71 6.18 -22.35
CA LEU A 173 8.04 5.55 -21.09
C LEU A 173 6.89 4.72 -20.50
N VAL A 174 5.62 5.06 -20.85
CA VAL A 174 4.44 4.34 -20.36
C VAL A 174 4.45 2.99 -21.00
N VAL A 175 4.62 2.96 -22.35
CA VAL A 175 4.72 1.73 -23.16
C VAL A 175 5.84 0.84 -22.60
N LEU A 176 7.03 1.42 -22.34
CA LEU A 176 8.16 0.63 -21.82
C LEU A 176 7.85 0.04 -20.43
N PHE A 177 7.30 0.83 -19.52
CA PHE A 177 7.00 0.38 -18.16
C PHE A 177 5.94 -0.74 -18.17
N ALA A 178 4.89 -0.59 -19.04
CA ALA A 178 3.82 -1.59 -19.28
C ALA A 178 4.47 -2.88 -19.82
N GLN A 179 5.40 -2.72 -20.79
CA GLN A 179 6.13 -3.84 -21.40
C GLN A 179 6.90 -4.66 -20.34
N VAL A 180 7.75 -3.99 -19.53
CA VAL A 180 8.56 -4.55 -18.44
C VAL A 180 7.70 -5.26 -17.42
N ASN A 181 6.56 -4.66 -17.05
CA ASN A 181 5.66 -5.17 -16.04
C ASN A 181 5.22 -6.58 -16.30
N CYS A 182 4.86 -6.90 -17.57
CA CYS A 182 4.35 -8.23 -17.92
C CYS A 182 5.42 -9.08 -18.63
N ASN A 183 6.54 -8.48 -19.07
CA ASN A 183 7.59 -9.25 -19.73
C ASN A 183 8.82 -9.57 -18.85
N GLY A 184 9.02 -8.82 -17.75
CA GLY A 184 10.15 -8.96 -16.83
C GLY A 184 10.23 -10.29 -16.11
N PHE A 185 11.41 -10.91 -16.06
CA PHE A 185 11.63 -12.18 -15.36
C PHE A 185 12.21 -11.92 -13.98
N THR A 186 11.79 -12.72 -13.02
CA THR A 186 12.33 -12.71 -11.67
C THR A 186 13.33 -13.88 -11.72
N ILE A 187 14.52 -13.71 -11.14
CA ILE A 187 15.55 -14.74 -11.08
C ILE A 187 15.58 -15.21 -9.64
N GLU A 188 15.53 -16.54 -9.41
CA GLU A 188 15.56 -17.19 -8.10
C GLU A 188 16.77 -18.04 -7.99
N ASP A 189 17.14 -18.41 -6.78
CA ASP A 189 18.33 -19.23 -6.58
C ASP A 189 17.91 -20.71 -6.42
N GLU A 190 18.86 -21.58 -6.07
CA GLU A 190 18.61 -23.00 -5.80
C GLU A 190 17.52 -23.25 -4.69
N GLU A 191 17.14 -22.25 -3.92
CA GLU A 191 16.15 -22.39 -2.84
C GLU A 191 14.83 -21.65 -3.13
N LEU A 192 14.73 -21.02 -4.35
CA LEU A 192 13.58 -20.25 -4.85
C LEU A 192 13.52 -18.85 -4.25
N SER A 193 14.61 -18.43 -3.56
CA SER A 193 14.74 -17.11 -2.93
C SER A 193 14.94 -16.09 -4.01
N HIS A 194 14.22 -14.94 -3.95
CA HIS A 194 14.30 -13.89 -4.99
C HIS A 194 15.70 -13.29 -5.07
N LEU A 195 16.36 -13.40 -6.23
CA LEU A 195 17.70 -12.89 -6.46
C LEU A 195 17.76 -11.56 -7.25
N GLY A 196 16.86 -11.38 -8.20
CA GLY A 196 16.85 -10.17 -9.03
C GLY A 196 15.88 -10.26 -10.18
N SER A 197 16.00 -9.33 -11.13
CA SER A 197 15.08 -9.23 -12.27
C SER A 197 15.86 -9.04 -13.54
N ALA A 198 15.39 -9.63 -14.66
CA ALA A 198 16.07 -9.52 -15.96
C ALA A 198 15.13 -9.53 -17.14
N ILE A 199 15.68 -9.11 -18.29
CA ILE A 199 15.00 -9.12 -19.57
C ILE A 199 15.66 -10.23 -20.35
N PHE A 200 14.85 -11.22 -20.74
CA PHE A 200 15.23 -12.36 -21.56
C PHE A 200 14.29 -12.36 -22.73
N PRO A 201 14.59 -11.56 -23.78
CA PRO A 201 13.66 -11.39 -24.90
C PRO A 201 13.21 -12.69 -25.56
N ASP A 202 14.14 -13.62 -25.88
CA ASP A 202 13.82 -14.88 -26.55
C ASP A 202 13.08 -15.89 -25.63
N VAL A 203 13.35 -15.86 -24.30
CA VAL A 203 12.67 -16.74 -23.35
C VAL A 203 11.21 -16.29 -23.29
N ALA A 204 10.98 -14.96 -23.39
CA ALA A 204 9.64 -14.36 -23.36
C ALA A 204 8.78 -14.80 -24.59
N LEU A 205 9.42 -15.23 -25.70
CA LEU A 205 8.68 -15.69 -26.88
C LEU A 205 7.77 -16.91 -26.57
N MET A 206 8.28 -17.87 -25.76
CA MET A 206 7.57 -19.10 -25.34
C MET A 206 6.18 -18.85 -24.75
N ASN A 207 5.25 -19.73 -25.12
CA ASN A 207 3.86 -19.65 -24.69
C ASN A 207 3.68 -20.49 -23.40
N HIS A 208 2.48 -20.42 -22.78
CA HIS A 208 2.18 -21.06 -21.51
C HIS A 208 1.40 -22.39 -21.63
N SER A 209 1.68 -23.30 -20.68
CA SER A 209 0.92 -24.53 -20.45
C SER A 209 1.02 -24.88 -18.97
N CYS A 210 -0.02 -25.52 -18.43
CA CYS A 210 0.04 -25.94 -17.04
C CYS A 210 0.67 -27.38 -16.97
N CYS A 211 0.93 -28.00 -18.16
CA CYS A 211 1.69 -29.25 -18.39
C CYS A 211 2.90 -28.81 -19.24
N PRO A 212 3.91 -28.06 -18.73
CA PRO A 212 5.00 -27.63 -19.62
C PRO A 212 5.95 -28.77 -20.01
N ASN A 213 6.61 -28.57 -21.15
CA ASN A 213 7.59 -29.49 -21.69
C ASN A 213 9.00 -28.92 -21.47
N VAL A 214 9.09 -27.68 -20.93
CA VAL A 214 10.34 -27.02 -20.57
C VAL A 214 10.22 -26.37 -19.22
N ILE A 215 11.39 -26.00 -18.65
CA ILE A 215 11.62 -25.23 -17.41
C ILE A 215 12.79 -24.28 -17.71
N VAL A 216 12.73 -23.10 -17.14
CA VAL A 216 13.72 -22.03 -17.18
C VAL A 216 14.47 -22.05 -15.84
N THR A 217 15.80 -22.10 -15.92
CA THR A 217 16.69 -22.03 -14.75
C THR A 217 17.73 -20.91 -15.08
N TYR A 218 18.60 -20.56 -14.12
CA TYR A 218 19.57 -19.53 -14.45
C TYR A 218 20.97 -19.95 -14.02
N LYS A 219 21.95 -19.66 -14.90
CA LYS A 219 23.38 -19.90 -14.65
C LYS A 219 23.94 -18.48 -14.47
N GLY A 220 23.79 -17.95 -13.26
CA GLY A 220 24.13 -16.56 -13.02
C GLY A 220 23.01 -15.70 -13.60
N THR A 221 23.35 -14.87 -14.61
CA THR A 221 22.36 -14.01 -15.30
C THR A 221 21.90 -14.66 -16.61
N LEU A 222 22.55 -15.77 -17.01
CA LEU A 222 22.20 -16.51 -18.22
C LEU A 222 20.96 -17.38 -17.95
N ALA A 223 19.87 -17.23 -18.75
CA ALA A 223 18.67 -18.09 -18.61
C ALA A 223 18.89 -19.32 -19.44
N GLU A 224 18.50 -20.50 -18.90
CA GLU A 224 18.68 -21.81 -19.55
C GLU A 224 17.35 -22.54 -19.69
N VAL A 225 17.04 -23.02 -20.90
CA VAL A 225 15.75 -23.66 -21.17
C VAL A 225 15.95 -25.15 -21.39
N ARG A 226 15.49 -25.98 -20.42
CA ARG A 226 15.65 -27.43 -20.58
C ARG A 226 14.34 -28.17 -20.62
N ALA A 227 14.31 -29.24 -21.44
CA ALA A 227 13.15 -30.13 -21.63
C ALA A 227 12.84 -30.96 -20.38
N VAL A 228 11.56 -30.97 -19.97
CA VAL A 228 11.06 -31.70 -18.78
C VAL A 228 10.08 -32.78 -19.23
N GLN A 229 9.85 -32.86 -20.54
CA GLN A 229 9.04 -33.88 -21.25
C GLN A 229 9.71 -34.02 -22.61
N GLU A 230 9.51 -35.19 -23.25
CA GLU A 230 10.04 -35.46 -24.59
C GLU A 230 9.28 -34.54 -25.57
N ILE A 231 10.02 -33.82 -26.44
CA ILE A 231 9.45 -32.88 -27.42
C ILE A 231 9.76 -33.44 -28.81
N LYS A 232 8.73 -33.54 -29.65
CA LYS A 232 8.84 -34.10 -31.00
C LYS A 232 8.88 -32.98 -32.04
N PRO A 233 9.55 -33.17 -33.19
CA PRO A 233 9.58 -32.09 -34.20
C PRO A 233 8.16 -31.64 -34.57
N GLY A 234 7.95 -30.33 -34.52
CA GLY A 234 6.67 -29.72 -34.81
C GLY A 234 5.83 -29.46 -33.58
N GLU A 235 6.28 -29.95 -32.41
CA GLU A 235 5.59 -29.72 -31.16
C GLU A 235 5.99 -28.34 -30.67
N GLU A 236 5.05 -27.61 -30.09
CA GLU A 236 5.35 -26.28 -29.61
C GLU A 236 5.98 -26.33 -28.20
N VAL A 237 6.94 -25.44 -27.96
CA VAL A 237 7.69 -25.31 -26.70
C VAL A 237 6.88 -24.43 -25.70
N PHE A 238 6.52 -25.04 -24.55
CA PHE A 238 5.74 -24.46 -23.46
C PHE A 238 6.45 -24.50 -22.13
N THR A 239 6.43 -23.34 -21.53
CA THR A 239 6.89 -23.05 -20.19
C THR A 239 5.60 -22.68 -19.43
N SER A 240 5.67 -22.55 -18.09
CA SER A 240 4.53 -22.14 -17.28
C SER A 240 4.78 -20.77 -16.79
N TYR A 241 3.82 -19.89 -17.06
CA TYR A 241 3.89 -18.52 -16.62
C TYR A 241 3.63 -18.43 -15.11
N ILE A 242 2.93 -19.41 -14.50
CA ILE A 242 2.56 -19.37 -13.08
C ILE A 242 3.00 -20.64 -12.25
N ASP A 243 2.55 -20.67 -10.98
CA ASP A 243 2.73 -21.69 -9.95
C ASP A 243 1.62 -22.69 -10.19
N LEU A 244 2.02 -23.90 -10.52
CA LEU A 244 1.17 -25.02 -10.95
C LEU A 244 0.55 -25.83 -9.80
N LEU A 245 0.70 -25.37 -8.54
CA LEU A 245 0.16 -26.02 -7.36
C LEU A 245 -1.35 -25.78 -7.20
N TYR A 246 -1.82 -24.64 -7.69
CA TYR A 246 -3.20 -24.22 -7.45
C TYR A 246 -4.18 -24.81 -8.48
N PRO A 247 -5.50 -24.94 -8.11
CA PRO A 247 -6.49 -25.48 -9.07
C PRO A 247 -6.71 -24.55 -10.25
N THR A 248 -7.31 -25.09 -11.29
CA THR A 248 -7.55 -24.47 -12.59
C THR A 248 -8.05 -23.00 -12.45
N GLU A 249 -9.21 -22.73 -11.80
CA GLU A 249 -9.74 -21.37 -11.65
C GLU A 249 -8.67 -20.42 -11.14
N ASP A 250 -7.96 -20.82 -10.05
CA ASP A 250 -6.90 -20.04 -9.42
C ASP A 250 -5.80 -19.71 -10.39
N ARG A 251 -5.41 -20.67 -11.24
CA ARG A 251 -4.35 -20.46 -12.23
C ARG A 251 -4.82 -19.54 -13.35
N ASN A 252 -6.06 -19.73 -13.81
CA ASN A 252 -6.63 -18.90 -14.88
C ASN A 252 -6.89 -17.45 -14.37
N ASP A 253 -7.30 -17.30 -13.10
CA ASP A 253 -7.47 -15.98 -12.50
C ASP A 253 -6.11 -15.20 -12.51
N ARG A 254 -5.02 -15.88 -12.13
CA ARG A 254 -3.69 -15.27 -12.09
C ARG A 254 -3.18 -14.92 -13.51
N LEU A 255 -3.44 -15.81 -14.46
CA LEU A 255 -3.08 -15.64 -15.87
C LEU A 255 -3.77 -14.41 -16.47
N ARG A 256 -5.09 -14.27 -16.24
CA ARG A 256 -5.91 -13.14 -16.69
C ARG A 256 -5.42 -11.85 -16.08
N ASP A 257 -5.02 -11.89 -14.79
CA ASP A 257 -4.56 -10.73 -14.01
C ASP A 257 -3.33 -10.09 -14.58
N SER A 258 -2.29 -10.89 -14.88
CA SER A 258 -1.03 -10.39 -15.41
C SER A 258 -0.91 -10.43 -16.94
N TYR A 259 -1.46 -11.45 -17.63
CA TYR A 259 -1.23 -11.53 -19.07
C TYR A 259 -2.53 -11.46 -19.87
N PHE A 260 -3.68 -11.30 -19.22
CA PHE A 260 -4.98 -11.06 -19.86
C PHE A 260 -5.39 -12.13 -20.90
N PHE A 261 -5.03 -13.40 -20.66
CA PHE A 261 -5.41 -14.53 -21.49
C PHE A 261 -5.85 -15.67 -20.53
N THR A 262 -6.64 -16.61 -21.05
CA THR A 262 -7.14 -17.78 -20.32
C THR A 262 -6.52 -19.01 -20.99
N CYS A 263 -6.13 -20.01 -20.18
CA CYS A 263 -5.47 -21.24 -20.61
C CYS A 263 -6.49 -22.31 -21.07
N GLU A 264 -6.04 -23.17 -22.01
CA GLU A 264 -6.80 -24.23 -22.64
C GLU A 264 -6.04 -25.58 -22.68
N CYS A 265 -4.98 -25.75 -21.86
CA CYS A 265 -4.17 -26.97 -21.84
C CYS A 265 -4.99 -28.15 -21.30
N GLN A 266 -4.41 -29.37 -21.36
CA GLN A 266 -4.99 -30.63 -20.87
C GLN A 266 -5.41 -30.55 -19.41
N GLU A 267 -4.54 -29.94 -18.56
CA GLU A 267 -4.79 -29.80 -17.15
C GLU A 267 -5.96 -28.88 -16.88
N CYS A 268 -6.07 -27.72 -17.60
CA CYS A 268 -7.13 -26.73 -17.48
C CYS A 268 -8.44 -27.33 -18.00
N THR A 269 -8.35 -28.20 -19.02
CA THR A 269 -9.47 -28.89 -19.66
C THR A 269 -10.01 -30.01 -18.73
N THR A 270 -9.20 -31.03 -18.43
CA THR A 270 -9.62 -32.18 -17.63
C THR A 270 -9.91 -31.81 -16.18
N LYS A 271 -9.05 -30.95 -15.55
CA LYS A 271 -9.13 -30.53 -14.13
C LYS A 271 -8.99 -31.76 -13.22
N ASP A 272 -8.19 -32.75 -13.66
CA ASP A 272 -8.03 -34.02 -12.96
C ASP A 272 -7.43 -33.89 -11.56
N LYS A 273 -6.48 -32.95 -11.37
CA LYS A 273 -5.80 -32.74 -10.09
C LYS A 273 -6.57 -31.80 -9.15
N ASP A 274 -7.65 -31.13 -9.66
CA ASP A 274 -8.45 -30.17 -8.91
C ASP A 274 -9.01 -30.75 -7.61
N LYS A 275 -9.72 -31.89 -7.65
CA LYS A 275 -10.30 -32.53 -6.44
C LYS A 275 -9.22 -32.87 -5.39
N ALA A 276 -8.05 -33.39 -5.82
CA ALA A 276 -6.92 -33.75 -4.96
C ALA A 276 -6.21 -32.53 -4.36
N LYS A 277 -6.18 -31.42 -5.10
CA LYS A 277 -5.56 -30.18 -4.64
C LYS A 277 -6.39 -29.53 -3.52
N VAL A 278 -7.73 -29.71 -3.58
CA VAL A 278 -8.69 -29.17 -2.63
C VAL A 278 -9.20 -30.35 -1.77
N GLU A 279 -8.24 -31.16 -1.24
CA GLU A 279 -8.56 -32.34 -0.44
C GLU A 279 -9.38 -31.97 0.79
N ILE A 280 -10.46 -32.72 1.00
CA ILE A 280 -11.41 -32.51 2.10
C ILE A 280 -11.33 -33.68 3.08
N ARG A 281 -11.33 -33.35 4.40
CA ARG A 281 -11.30 -34.32 5.51
C ARG A 281 -12.43 -35.33 5.38
N LYS A 282 -12.12 -36.60 5.64
CA LYS A 282 -13.06 -37.71 5.52
C LYS A 282 -13.85 -37.88 6.83
N LEU A 283 -14.61 -36.83 7.20
CA LEU A 283 -15.42 -36.78 8.41
C LEU A 283 -16.57 -37.81 8.37
N SER A 284 -17.06 -38.24 9.57
CA SER A 284 -18.17 -39.19 9.67
C SER A 284 -19.43 -38.51 9.12
N ASP A 285 -19.51 -37.18 9.30
CA ASP A 285 -20.56 -36.31 8.76
C ASP A 285 -19.84 -35.47 7.68
N PRO A 286 -19.86 -35.92 6.40
CA PRO A 286 -19.12 -35.21 5.34
C PRO A 286 -19.57 -33.75 5.14
N PRO A 287 -18.62 -32.78 5.14
CA PRO A 287 -19.02 -31.37 4.97
C PRO A 287 -19.69 -31.11 3.64
N LYS A 288 -20.78 -30.35 3.69
CA LYS A 288 -21.64 -29.95 2.58
C LYS A 288 -20.87 -29.13 1.55
N ALA A 289 -21.27 -29.24 0.26
CA ALA A 289 -20.69 -28.52 -0.88
C ALA A 289 -20.66 -27.01 -0.65
N GLU A 290 -21.70 -26.49 0.05
CA GLU A 290 -21.89 -25.09 0.43
C GLU A 290 -20.77 -24.65 1.38
N ALA A 291 -20.41 -25.54 2.34
CA ALA A 291 -19.34 -25.33 3.33
C ALA A 291 -17.97 -25.45 2.66
N ILE A 292 -17.86 -26.27 1.61
CA ILE A 292 -16.61 -26.45 0.87
C ILE A 292 -16.33 -25.15 0.09
N ARG A 293 -17.41 -24.56 -0.47
CA ARG A 293 -17.39 -23.31 -1.23
C ARG A 293 -16.87 -22.13 -0.39
N ASP A 294 -17.39 -21.98 0.84
CA ASP A 294 -17.05 -20.91 1.79
C ASP A 294 -15.59 -20.94 2.23
N MET A 295 -15.04 -22.15 2.47
CA MET A 295 -13.65 -22.34 2.90
C MET A 295 -12.67 -22.02 1.77
N VAL A 296 -13.06 -22.33 0.52
CA VAL A 296 -12.26 -22.05 -0.68
C VAL A 296 -12.17 -20.53 -0.87
N ARG A 297 -13.31 -19.82 -0.69
CA ARG A 297 -13.39 -18.36 -0.80
C ARG A 297 -12.55 -17.71 0.32
N TYR A 298 -12.76 -18.18 1.59
CA TYR A 298 -12.05 -17.69 2.77
C TYR A 298 -10.55 -17.78 2.54
N ALA A 299 -10.08 -18.96 2.07
CA ALA A 299 -8.68 -19.24 1.82
C ALA A 299 -8.11 -18.28 0.80
N ARG A 300 -8.78 -18.15 -0.37
CA ARG A 300 -8.37 -17.25 -1.48
C ARG A 300 -8.31 -15.78 -1.00
N ASN A 301 -9.25 -15.40 -0.10
CA ASN A 301 -9.32 -14.07 0.52
C ASN A 301 -8.13 -13.83 1.45
N VAL A 302 -7.80 -14.85 2.32
CA VAL A 302 -6.71 -14.76 3.31
C VAL A 302 -5.35 -14.81 2.61
N ILE A 303 -5.27 -15.48 1.45
CA ILE A 303 -4.04 -15.52 0.66
C ILE A 303 -3.69 -14.08 0.20
N GLU A 304 -4.71 -13.30 -0.25
CA GLU A 304 -4.55 -11.92 -0.72
C GLU A 304 -4.23 -11.01 0.48
N GLU A 305 -4.91 -11.27 1.62
CA GLU A 305 -4.74 -10.54 2.88
C GLU A 305 -3.31 -10.68 3.37
N PHE A 306 -2.71 -11.88 3.19
CA PHE A 306 -1.36 -12.18 3.64
C PHE A 306 -0.33 -11.43 2.83
N ARG A 307 -0.42 -11.48 1.49
CA ARG A 307 0.50 -10.79 0.55
C ARG A 307 0.55 -9.29 0.84
N ARG A 308 -0.60 -8.69 1.15
CA ARG A 308 -0.71 -7.28 1.49
C ARG A 308 0.01 -7.04 2.84
N ALA A 309 -0.28 -7.91 3.85
CA ALA A 309 0.30 -7.85 5.20
C ALA A 309 1.83 -7.99 5.20
N LYS A 310 2.41 -8.68 4.19
CA LYS A 310 3.86 -8.87 3.98
C LYS A 310 4.59 -7.52 3.72
N HIS A 311 3.88 -6.39 3.88
CA HIS A 311 4.44 -5.05 3.71
C HIS A 311 4.51 -4.29 5.04
N TYR A 312 3.45 -4.37 5.89
CA TYR A 312 3.33 -3.62 7.14
C TYR A 312 3.40 -4.47 8.45
N LYS A 313 2.76 -5.66 8.51
CA LYS A 313 2.75 -6.46 9.76
C LYS A 313 4.10 -7.15 10.02
N SER A 314 4.39 -7.39 11.31
CA SER A 314 5.64 -7.95 11.82
C SER A 314 5.77 -9.47 11.60
N PRO A 315 7.00 -10.05 11.57
CA PRO A 315 7.14 -11.50 11.38
C PRO A 315 6.34 -12.34 12.39
N SER A 316 6.23 -11.89 13.65
CA SER A 316 5.46 -12.62 14.65
C SER A 316 3.95 -12.47 14.41
N GLU A 317 3.52 -11.33 13.79
CA GLU A 317 2.12 -11.05 13.47
C GLU A 317 1.71 -11.93 12.29
N LEU A 318 2.61 -12.03 11.27
CA LEU A 318 2.44 -12.83 10.05
C LEU A 318 2.24 -14.31 10.39
N LEU A 319 2.99 -14.81 11.38
CA LEU A 319 2.88 -16.20 11.87
C LEU A 319 1.51 -16.49 12.46
N GLU A 320 0.95 -15.56 13.28
CA GLU A 320 -0.38 -15.67 13.88
C GLU A 320 -1.44 -15.87 12.78
N ILE A 321 -1.33 -15.10 11.68
CA ILE A 321 -2.21 -15.20 10.52
C ILE A 321 -2.11 -16.61 9.92
N CYS A 322 -0.87 -17.11 9.73
CA CYS A 322 -0.63 -18.44 9.20
C CYS A 322 -1.26 -19.49 10.08
N GLU A 323 -0.88 -19.51 11.36
CA GLU A 323 -1.35 -20.45 12.36
C GLU A 323 -2.89 -20.44 12.50
N LEU A 324 -3.53 -19.24 12.65
CA LEU A 324 -4.98 -19.13 12.79
C LEU A 324 -5.71 -19.47 11.49
N SER A 325 -5.17 -19.05 10.31
CA SER A 325 -5.75 -19.39 8.99
C SER A 325 -5.82 -20.92 8.85
N GLN A 326 -4.70 -21.62 9.18
CA GLN A 326 -4.55 -23.07 9.15
C GLN A 326 -5.58 -23.72 10.05
N GLU A 327 -5.60 -23.32 11.33
CA GLU A 327 -6.54 -23.80 12.35
C GLU A 327 -7.98 -23.65 11.88
N LYS A 328 -8.33 -22.51 11.24
CA LYS A 328 -9.69 -22.24 10.74
C LYS A 328 -10.01 -23.19 9.58
N MET A 329 -9.09 -23.30 8.60
CA MET A 329 -9.25 -24.15 7.42
C MET A 329 -9.35 -25.64 7.81
N SER A 330 -8.56 -26.07 8.84
CA SER A 330 -8.51 -27.43 9.39
C SER A 330 -9.90 -28.04 9.68
N SER A 331 -10.93 -27.18 9.86
CA SER A 331 -12.33 -27.57 10.08
C SER A 331 -12.92 -28.33 8.89
N VAL A 332 -12.46 -28.02 7.66
CA VAL A 332 -12.94 -28.63 6.41
C VAL A 332 -11.79 -29.19 5.55
N PHE A 333 -10.61 -28.54 5.54
CA PHE A 333 -9.48 -28.95 4.70
C PHE A 333 -8.51 -29.97 5.31
N GLU A 334 -8.12 -30.96 4.50
CA GLU A 334 -7.13 -32.00 4.80
C GLU A 334 -5.75 -31.30 4.69
N ASP A 335 -4.78 -31.66 5.55
CA ASP A 335 -3.43 -31.06 5.63
C ASP A 335 -2.68 -31.04 4.27
N SER A 336 -3.14 -31.86 3.28
CA SER A 336 -2.54 -31.97 1.93
C SER A 336 -3.18 -30.98 0.94
N ASN A 337 -4.21 -30.25 1.39
CA ASN A 337 -4.96 -29.23 0.66
C ASN A 337 -3.97 -28.12 0.32
N VAL A 338 -4.03 -27.62 -0.92
CA VAL A 338 -3.07 -26.62 -1.43
C VAL A 338 -3.16 -25.25 -0.73
N TYR A 339 -4.31 -24.97 -0.09
CA TYR A 339 -4.56 -23.71 0.63
C TYR A 339 -3.83 -23.76 1.97
N MET A 340 -3.87 -24.94 2.61
CA MET A 340 -3.17 -25.24 3.86
C MET A 340 -1.68 -25.13 3.58
N LEU A 341 -1.22 -25.81 2.50
CA LEU A 341 0.14 -25.83 1.99
C LEU A 341 0.69 -24.45 1.71
N HIS A 342 -0.16 -23.51 1.21
CA HIS A 342 0.21 -22.11 0.93
C HIS A 342 0.71 -21.41 2.20
N MET A 343 -0.08 -21.51 3.27
CA MET A 343 0.19 -20.92 4.60
C MET A 343 1.36 -21.63 5.30
N MET A 344 1.52 -22.96 5.08
CA MET A 344 2.63 -23.74 5.64
C MET A 344 3.93 -23.17 5.03
N TYR A 345 3.93 -22.98 3.68
CA TYR A 345 5.04 -22.39 2.93
C TYR A 345 5.37 -20.95 3.42
N GLN A 346 4.32 -20.11 3.55
CA GLN A 346 4.41 -18.73 4.00
C GLN A 346 5.05 -18.66 5.40
N ALA A 347 4.62 -19.53 6.36
CA ALA A 347 5.22 -19.57 7.69
C ALA A 347 6.66 -20.13 7.62
N MET A 348 6.95 -21.08 6.71
CA MET A 348 8.33 -21.59 6.53
C MET A 348 9.30 -20.42 6.19
N GLY A 349 8.90 -19.56 5.23
CA GLY A 349 9.64 -18.40 4.78
C GLY A 349 9.86 -17.40 5.90
N VAL A 350 8.82 -17.16 6.73
CA VAL A 350 8.91 -16.29 7.91
C VAL A 350 9.83 -16.96 8.96
N CYS A 351 9.83 -18.30 9.05
CA CYS A 351 10.69 -19.00 10.03
C CYS A 351 12.14 -18.93 9.58
N LEU A 352 12.38 -19.11 8.29
CA LEU A 352 13.72 -18.99 7.70
C LEU A 352 14.23 -17.55 7.88
N TYR A 353 13.32 -16.56 7.74
CA TYR A 353 13.62 -15.15 7.92
C TYR A 353 14.12 -14.87 9.34
N MET A 354 13.34 -15.29 10.35
CA MET A 354 13.61 -15.12 11.77
C MET A 354 14.71 -16.02 12.29
N GLN A 355 15.22 -16.93 11.42
CA GLN A 355 16.31 -17.89 11.64
C GLN A 355 15.88 -19.04 12.59
N ASP A 356 14.56 -19.32 12.64
CA ASP A 356 13.98 -20.42 13.40
C ASP A 356 14.07 -21.64 12.50
N TRP A 357 15.28 -22.21 12.43
CA TRP A 357 15.61 -23.35 11.57
C TRP A 357 14.76 -24.57 11.92
N GLU A 358 14.46 -24.77 13.21
CA GLU A 358 13.59 -25.86 13.67
C GLU A 358 12.14 -25.70 13.19
N GLY A 359 11.56 -24.49 13.34
CA GLY A 359 10.21 -24.19 12.89
C GLY A 359 10.04 -24.43 11.41
N ALA A 360 11.01 -23.93 10.60
CA ALA A 360 11.09 -24.11 9.15
C ALA A 360 11.13 -25.56 8.75
N LEU A 361 11.99 -26.38 9.41
CA LEU A 361 12.18 -27.82 9.13
C LEU A 361 10.89 -28.59 9.35
N GLN A 362 10.12 -28.17 10.38
CA GLN A 362 8.83 -28.76 10.72
C GLN A 362 7.77 -28.45 9.68
N TYR A 363 7.90 -27.31 9.01
CA TYR A 363 6.93 -26.98 7.96
C TYR A 363 7.23 -27.78 6.73
N GLY A 364 8.47 -27.66 6.24
CA GLY A 364 8.98 -28.41 5.09
C GLY A 364 8.64 -29.88 5.10
N GLN A 365 8.78 -30.53 6.27
CA GLN A 365 8.49 -31.97 6.46
C GLN A 365 7.04 -32.32 6.15
N LYS A 366 6.12 -31.40 6.51
CA LYS A 366 4.68 -31.52 6.28
C LYS A 366 4.32 -31.13 4.83
N ILE A 367 5.18 -30.30 4.16
CA ILE A 367 4.96 -29.76 2.81
C ILE A 367 5.36 -30.70 1.65
N ILE A 368 6.51 -31.41 1.79
CA ILE A 368 7.18 -32.14 0.71
C ILE A 368 6.41 -33.36 0.11
N LYS A 369 5.75 -34.23 0.91
CA LYS A 369 5.04 -35.37 0.30
C LYS A 369 3.88 -34.84 -0.59
N PRO A 370 3.01 -33.87 -0.15
CA PRO A 370 1.97 -33.34 -1.05
C PRO A 370 2.52 -32.54 -2.25
N TYR A 371 3.71 -31.95 -2.10
CA TYR A 371 4.38 -31.22 -3.17
C TYR A 371 4.71 -32.16 -4.34
N SER A 372 5.38 -33.32 -4.08
CA SER A 372 5.72 -34.27 -5.14
C SER A 372 4.46 -34.93 -5.74
N LYS A 373 3.34 -34.84 -5.03
CA LYS A 373 2.03 -35.35 -5.45
C LYS A 373 1.33 -34.30 -6.33
N HIS A 374 1.41 -32.99 -6.01
CA HIS A 374 0.70 -31.94 -6.74
C HIS A 374 1.50 -31.31 -7.89
N TYR A 375 2.81 -31.12 -7.74
CA TYR A 375 3.62 -30.50 -8.79
C TYR A 375 4.09 -31.63 -9.74
N PRO A 376 4.59 -31.30 -10.97
CA PRO A 376 5.12 -32.37 -11.86
C PRO A 376 6.41 -32.97 -11.30
N LEU A 377 6.88 -34.11 -11.89
CA LEU A 377 8.10 -34.84 -11.48
C LEU A 377 9.32 -33.93 -11.45
N TYR A 378 9.50 -33.14 -12.50
CA TYR A 378 10.59 -32.18 -12.56
C TYR A 378 9.94 -30.87 -12.30
N SER A 379 10.12 -30.39 -11.07
CA SER A 379 9.57 -29.13 -10.60
C SER A 379 10.55 -28.48 -9.64
N LEU A 380 10.90 -27.18 -9.91
CA LEU A 380 11.79 -26.37 -9.10
C LEU A 380 11.27 -26.20 -7.66
N ASN A 381 9.93 -26.17 -7.46
CA ASN A 381 9.34 -26.08 -6.12
C ASN A 381 9.63 -27.33 -5.27
N VAL A 382 9.64 -28.52 -5.88
CA VAL A 382 9.91 -29.80 -5.21
C VAL A 382 11.41 -29.93 -4.86
N ALA A 383 12.29 -29.66 -5.83
CA ALA A 383 13.74 -29.70 -5.72
C ALA A 383 14.25 -28.68 -4.69
N SER A 384 13.73 -27.43 -4.74
CA SER A 384 14.12 -26.39 -3.77
C SER A 384 13.59 -26.72 -2.37
N MET A 385 12.47 -27.46 -2.26
CA MET A 385 11.94 -27.89 -0.95
C MET A 385 12.79 -29.03 -0.38
N TRP A 386 13.29 -29.95 -1.23
CA TRP A 386 14.16 -31.03 -0.77
C TRP A 386 15.50 -30.45 -0.35
N LEU A 387 15.97 -29.42 -1.09
CA LEU A 387 17.25 -28.74 -0.88
C LEU A 387 17.20 -27.99 0.42
N LYS A 388 16.05 -27.33 0.69
CA LYS A 388 15.84 -26.58 1.94
C LYS A 388 15.76 -27.55 3.10
N LEU A 389 15.04 -28.69 2.92
CA LEU A 389 14.95 -29.72 3.95
C LEU A 389 16.32 -30.29 4.28
N GLY A 390 17.11 -30.60 3.23
CA GLY A 390 18.45 -31.16 3.36
C GLY A 390 19.40 -30.26 4.11
N ARG A 391 19.51 -29.00 3.68
CA ARG A 391 20.36 -27.98 4.29
C ARG A 391 20.01 -27.76 5.77
N LEU A 392 18.70 -27.72 6.12
CA LEU A 392 18.19 -27.57 7.50
C LEU A 392 18.57 -28.81 8.34
N TYR A 393 18.37 -30.02 7.78
CA TYR A 393 18.64 -31.31 8.43
C TYR A 393 20.10 -31.41 8.80
N MET A 394 20.98 -31.03 7.84
CA MET A 394 22.43 -31.04 7.95
C MET A 394 22.90 -30.04 9.00
N GLY A 395 22.23 -28.90 9.08
CA GLY A 395 22.48 -27.86 10.06
C GLY A 395 22.11 -28.25 11.48
N LEU A 396 21.10 -29.14 11.63
CA LEU A 396 20.61 -29.58 12.95
C LEU A 396 21.05 -31.02 13.33
N GLU A 397 22.21 -31.47 12.81
CA GLU A 397 22.88 -32.76 13.07
C GLU A 397 22.04 -34.01 12.69
N HIS A 398 21.29 -33.98 11.56
CA HIS A 398 20.56 -35.15 11.07
C HIS A 398 21.14 -35.48 9.69
N LYS A 399 22.31 -36.15 9.70
CA LYS A 399 23.10 -36.46 8.50
C LYS A 399 22.44 -37.49 7.60
N ALA A 400 21.77 -38.50 8.19
CA ALA A 400 21.09 -39.56 7.42
C ALA A 400 19.90 -38.98 6.67
N ALA A 401 19.10 -38.12 7.34
CA ALA A 401 17.94 -37.47 6.72
C ALA A 401 18.39 -36.34 5.76
N GLY A 402 19.57 -35.77 6.05
CA GLY A 402 20.21 -34.70 5.28
C GLY A 402 20.60 -35.14 3.90
N GLU A 403 21.54 -36.11 3.81
CA GLU A 403 22.03 -36.69 2.56
C GLU A 403 20.86 -37.26 1.70
N LYS A 404 19.89 -37.92 2.34
CA LYS A 404 18.70 -38.48 1.70
C LYS A 404 17.90 -37.39 0.95
N ALA A 405 17.62 -36.23 1.60
CA ALA A 405 16.88 -35.10 0.99
C ALA A 405 17.72 -34.31 -0.03
N LEU A 406 19.04 -34.17 0.21
CA LEU A 406 19.95 -33.47 -0.69
C LEU A 406 20.15 -34.26 -1.98
N LYS A 407 20.21 -35.61 -1.88
CA LYS A 407 20.35 -36.45 -3.06
C LYS A 407 19.08 -36.35 -3.94
N LYS A 408 17.88 -36.33 -3.28
CA LYS A 408 16.57 -36.20 -3.94
C LYS A 408 16.45 -34.86 -4.66
N ALA A 409 17.08 -33.79 -4.13
CA ALA A 409 17.11 -32.49 -4.78
C ALA A 409 17.97 -32.57 -6.06
N ILE A 410 19.21 -33.14 -5.97
CA ILE A 410 20.18 -33.33 -7.07
C ILE A 410 19.52 -34.13 -8.20
N ALA A 411 18.77 -35.17 -7.85
CA ALA A 411 18.02 -36.01 -8.80
C ALA A 411 17.19 -35.15 -9.80
N ILE A 412 16.27 -34.30 -9.30
CA ILE A 412 15.42 -33.41 -10.10
C ILE A 412 16.28 -32.36 -10.82
N MET A 413 17.16 -31.71 -10.04
CA MET A 413 18.03 -30.62 -10.46
C MET A 413 18.99 -31.01 -11.61
N GLU A 414 19.52 -32.24 -11.64
CA GLU A 414 20.38 -32.70 -12.74
C GLU A 414 19.61 -32.61 -14.06
N VAL A 415 18.26 -32.79 -14.03
CA VAL A 415 17.41 -32.72 -15.22
C VAL A 415 17.06 -31.24 -15.53
N ALA A 416 16.70 -30.42 -14.52
CA ALA A 416 16.32 -29.02 -14.71
C ALA A 416 17.52 -28.10 -14.91
N HIS A 417 18.47 -28.11 -13.98
CA HIS A 417 19.63 -27.25 -14.05
C HIS A 417 20.75 -27.83 -14.92
N GLY A 418 20.70 -29.14 -15.17
CA GLY A 418 21.72 -29.83 -15.96
C GLY A 418 22.81 -30.39 -15.06
N LYS A 419 23.42 -31.53 -15.47
CA LYS A 419 24.39 -32.26 -14.63
C LYS A 419 25.66 -31.46 -14.30
N ASP A 420 26.06 -30.51 -15.18
CA ASP A 420 27.28 -29.71 -15.01
C ASP A 420 27.04 -28.35 -14.28
N HIS A 421 25.80 -28.10 -13.80
CA HIS A 421 25.46 -26.83 -13.16
C HIS A 421 26.23 -26.62 -11.85
N PRO A 422 26.79 -25.37 -11.67
CA PRO A 422 27.51 -25.05 -10.41
C PRO A 422 26.72 -25.37 -9.15
N TYR A 423 25.38 -25.44 -9.25
CA TYR A 423 24.57 -25.77 -8.08
C TYR A 423 24.83 -27.21 -7.64
N ILE A 424 24.72 -28.19 -8.57
CA ILE A 424 24.91 -29.63 -8.29
C ILE A 424 26.23 -29.90 -7.56
N SER A 425 27.31 -29.23 -8.00
CA SER A 425 28.65 -29.34 -7.43
C SER A 425 28.67 -28.90 -5.97
N GLU A 426 28.07 -27.71 -5.70
CA GLU A 426 27.92 -27.07 -4.39
C GLU A 426 27.23 -28.01 -3.38
N ILE A 427 26.11 -28.62 -3.80
CA ILE A 427 25.31 -29.54 -2.98
C ILE A 427 26.11 -30.81 -2.71
N LYS A 428 26.87 -31.28 -3.70
CA LYS A 428 27.71 -32.47 -3.61
C LYS A 428 28.81 -32.25 -2.57
N GLN A 429 29.40 -31.04 -2.58
CA GLN A 429 30.42 -30.59 -1.61
C GLN A 429 29.86 -30.59 -0.17
N GLU A 430 28.53 -30.38 -0.02
CA GLU A 430 27.81 -30.38 1.25
C GLU A 430 27.65 -31.81 1.82
N ILE A 431 27.46 -32.81 0.95
CA ILE A 431 27.34 -34.23 1.35
C ILE A 431 28.75 -34.77 1.66
N GLU A 432 29.70 -34.57 0.71
CA GLU A 432 31.10 -35.00 0.77
C GLU A 432 31.84 -34.38 1.96
N SER A 433 31.77 -33.03 2.09
CA SER A 433 32.39 -32.26 3.17
C SER A 433 31.31 -31.54 4.00
N GLY B 6 -0.21 40.85 17.78
CA GLY B 6 -0.72 39.73 17.01
C GLY B 6 -2.23 39.55 17.09
N LEU B 7 -2.70 38.62 17.95
CA LEU B 7 -4.14 38.37 18.14
C LEU B 7 -4.71 39.17 19.29
N GLY B 8 -5.90 39.73 19.09
CA GLY B 8 -6.61 40.49 20.11
C GLY B 8 -7.13 39.54 21.19
N GLY B 9 -6.94 39.95 22.44
CA GLY B 9 -7.36 39.20 23.62
C GLY B 9 -6.60 37.91 23.86
N LEU B 10 -5.54 37.67 23.06
CA LEU B 10 -4.72 36.45 23.12
C LEU B 10 -3.23 36.82 22.98
N GLU B 11 -2.32 35.88 23.31
CA GLU B 11 -0.86 36.07 23.15
C GLU B 11 -0.12 34.73 23.13
N ARG B 12 1.00 34.72 22.38
CA ARG B 12 1.91 33.58 22.27
C ARG B 12 2.78 33.56 23.54
N PHE B 13 3.05 32.36 24.07
CA PHE B 13 3.84 32.22 25.27
C PHE B 13 4.51 30.84 25.26
N CYS B 14 5.44 30.62 26.21
CA CYS B 14 6.11 29.34 26.37
C CYS B 14 5.31 28.55 27.38
N SER B 15 4.62 27.52 26.91
CA SER B 15 3.83 26.65 27.78
C SER B 15 4.78 25.69 28.53
N PRO B 16 4.83 25.81 29.87
CA PRO B 16 5.77 24.97 30.65
C PRO B 16 5.60 23.46 30.39
N GLY B 17 6.69 22.84 29.95
CA GLY B 17 6.79 21.43 29.62
C GLY B 17 6.22 21.02 28.29
N LYS B 18 5.76 22.00 27.50
CA LYS B 18 5.13 21.72 26.20
C LYS B 18 5.92 22.34 25.08
N GLY B 19 5.85 23.67 24.98
CA GLY B 19 6.49 24.44 23.93
C GLY B 19 5.59 25.60 23.54
N ARG B 20 5.92 26.29 22.43
CA ARG B 20 5.17 27.48 21.93
C ARG B 20 3.64 27.19 21.84
N GLY B 21 2.85 28.06 22.49
CA GLY B 21 1.40 27.95 22.58
C GLY B 21 0.66 29.27 22.70
N LEU B 22 -0.66 29.21 22.93
CA LEU B 22 -1.50 30.41 22.99
C LEU B 22 -2.24 30.54 24.32
N ARG B 23 -2.18 31.76 24.88
CA ARG B 23 -2.74 32.14 26.18
C ARG B 23 -3.77 33.25 26.05
N ALA B 24 -4.95 33.05 26.67
CA ALA B 24 -6.03 34.03 26.74
C ALA B 24 -5.59 35.21 27.61
N LEU B 25 -5.95 36.43 27.23
CA LEU B 25 -5.62 37.64 27.99
C LEU B 25 -6.90 38.25 28.54
N GLN B 26 -8.02 37.98 27.86
CA GLN B 26 -9.35 38.44 28.24
C GLN B 26 -10.22 37.20 28.55
N PRO B 27 -11.43 37.31 29.15
CA PRO B 27 -12.20 36.09 29.40
C PRO B 27 -12.99 35.62 28.17
N PHE B 28 -13.29 34.33 28.14
CA PHE B 28 -14.09 33.71 27.10
C PHE B 28 -15.17 32.84 27.71
N GLN B 29 -16.31 32.74 27.03
CA GLN B 29 -17.46 31.94 27.46
C GLN B 29 -17.72 30.91 26.38
N VAL B 30 -18.41 29.80 26.73
CA VAL B 30 -18.78 28.72 25.80
C VAL B 30 -19.54 29.33 24.60
N GLY B 31 -18.91 29.30 23.42
CA GLY B 31 -19.49 29.82 22.18
C GLY B 31 -18.78 31.00 21.56
N ASP B 32 -17.95 31.72 22.33
CA ASP B 32 -17.20 32.90 21.87
C ASP B 32 -16.07 32.54 20.88
N LEU B 33 -15.98 33.32 19.79
CA LEU B 33 -14.95 33.19 18.76
C LEU B 33 -13.68 33.85 19.26
N LEU B 34 -12.66 33.03 19.50
CA LEU B 34 -11.37 33.53 20.00
C LEU B 34 -10.65 34.31 18.89
N PHE B 35 -10.61 33.71 17.69
CA PHE B 35 -10.01 34.28 16.49
C PHE B 35 -10.40 33.47 15.25
N SER B 36 -10.20 34.10 14.09
CA SER B 36 -10.41 33.50 12.78
C SER B 36 -9.04 33.46 12.12
N CYS B 37 -8.81 32.42 11.34
CA CYS B 37 -7.54 32.29 10.67
C CYS B 37 -7.78 31.95 9.22
N PRO B 38 -7.47 32.89 8.30
CA PRO B 38 -7.61 32.57 6.88
C PRO B 38 -6.56 31.55 6.49
N ALA B 39 -6.93 30.57 5.65
CA ALA B 39 -6.02 29.54 5.16
C ALA B 39 -4.83 30.18 4.44
N TYR B 40 -3.60 29.80 4.81
CA TYR B 40 -2.37 30.29 4.17
C TYR B 40 -2.33 29.79 2.73
N ALA B 41 -2.58 28.48 2.60
CA ALA B 41 -2.69 27.70 1.38
C ALA B 41 -3.80 26.67 1.69
N TYR B 42 -4.60 26.29 0.67
CA TYR B 42 -5.74 25.37 0.80
C TYR B 42 -6.03 24.65 -0.52
N VAL B 43 -6.64 23.47 -0.44
CA VAL B 43 -6.95 22.68 -1.62
C VAL B 43 -8.19 21.83 -1.35
N LEU B 44 -9.11 21.83 -2.31
CA LEU B 44 -10.35 21.06 -2.26
C LEU B 44 -10.06 19.66 -2.78
N THR B 45 -10.52 18.61 -2.03
CA THR B 45 -10.34 17.23 -2.46
C THR B 45 -10.97 17.02 -3.85
N VAL B 46 -10.37 16.14 -4.66
CA VAL B 46 -10.82 15.84 -6.03
C VAL B 46 -12.30 15.37 -6.00
N ASN B 47 -12.67 14.45 -5.08
CA ASN B 47 -14.02 13.86 -4.93
C ASN B 47 -15.10 14.87 -4.50
N GLU B 48 -14.82 16.17 -4.54
CA GLU B 48 -15.80 17.18 -4.17
C GLU B 48 -15.98 18.25 -5.23
N ARG B 49 -15.17 18.24 -6.30
CA ARG B 49 -15.26 19.21 -7.41
C ARG B 49 -16.68 19.19 -7.99
N GLY B 50 -17.26 20.37 -8.15
CA GLY B 50 -18.60 20.50 -8.72
C GLY B 50 -19.66 20.70 -7.66
N ASN B 51 -19.40 20.12 -6.46
CA ASN B 51 -20.25 20.21 -5.26
C ASN B 51 -19.86 21.46 -4.45
N HIS B 52 -18.54 21.80 -4.42
CA HIS B 52 -18.01 22.98 -3.74
C HIS B 52 -17.20 23.84 -4.68
N CYS B 53 -17.29 25.17 -4.49
CA CYS B 53 -16.49 26.16 -5.22
C CYS B 53 -15.00 25.95 -4.81
N GLU B 54 -14.12 25.71 -5.80
CA GLU B 54 -12.66 25.47 -5.62
C GLU B 54 -11.96 26.61 -4.89
N TYR B 55 -12.50 27.86 -5.01
CA TYR B 55 -11.87 29.04 -4.40
C TYR B 55 -12.30 29.29 -2.94
N CYS B 56 -13.60 29.43 -2.66
CA CYS B 56 -14.05 29.80 -1.31
C CYS B 56 -14.76 28.66 -0.55
N PHE B 57 -14.82 27.45 -1.16
CA PHE B 57 -15.43 26.23 -0.61
C PHE B 57 -16.96 26.37 -0.37
N THR B 58 -17.66 27.29 -1.07
CA THR B 58 -19.11 27.41 -0.92
C THR B 58 -19.78 26.23 -1.63
N ARG B 59 -20.76 25.61 -0.95
CA ARG B 59 -21.51 24.49 -1.49
C ARG B 59 -22.85 25.00 -2.05
N LYS B 60 -22.92 25.22 -3.38
CA LYS B 60 -24.11 25.64 -4.10
C LYS B 60 -24.27 24.83 -5.38
N GLU B 61 -25.53 24.50 -5.73
CA GLU B 61 -25.83 23.75 -6.95
C GLU B 61 -25.73 24.72 -8.10
N GLY B 62 -25.22 24.25 -9.23
CA GLY B 62 -25.08 25.07 -10.43
C GLY B 62 -23.84 25.94 -10.49
N LEU B 63 -22.68 25.33 -10.16
CA LEU B 63 -21.38 26.00 -10.23
C LEU B 63 -20.86 25.94 -11.66
N SER B 64 -20.31 27.06 -12.18
CA SER B 64 -19.77 27.15 -13.53
C SER B 64 -18.37 26.52 -13.62
N LYS B 65 -18.21 25.51 -14.51
CA LYS B 65 -16.96 24.77 -14.76
C LYS B 65 -15.94 25.62 -15.48
N CYS B 66 -14.65 25.47 -15.10
CA CYS B 66 -13.53 26.16 -15.74
C CYS B 66 -13.45 25.66 -17.16
N GLY B 67 -13.58 26.58 -18.12
CA GLY B 67 -13.55 26.25 -19.54
C GLY B 67 -12.21 25.80 -20.08
N ARG B 68 -11.12 26.16 -19.36
CA ARG B 68 -9.74 25.88 -19.74
C ARG B 68 -9.32 24.42 -19.45
N CYS B 69 -9.86 23.80 -18.38
CA CYS B 69 -9.50 22.44 -17.93
C CYS B 69 -10.74 21.51 -17.79
N LYS B 70 -11.94 22.10 -17.62
CA LYS B 70 -13.24 21.41 -17.46
C LYS B 70 -13.26 20.55 -16.17
N GLN B 71 -12.35 20.87 -15.23
CA GLN B 71 -12.18 20.12 -13.98
C GLN B 71 -12.49 20.96 -12.74
N ALA B 72 -12.10 22.26 -12.71
CA ALA B 72 -12.41 23.14 -11.57
C ALA B 72 -13.80 23.76 -11.70
N PHE B 73 -14.41 24.18 -10.57
CA PHE B 73 -15.73 24.80 -10.47
C PHE B 73 -15.67 26.00 -9.53
N TYR B 74 -16.37 27.11 -9.88
CA TYR B 74 -16.40 28.40 -9.14
C TYR B 74 -17.81 29.04 -9.06
N CYS B 75 -17.99 30.00 -8.14
CA CYS B 75 -19.24 30.77 -7.97
C CYS B 75 -19.42 31.72 -9.16
N ASN B 76 -18.30 32.39 -9.57
CA ASN B 76 -18.22 33.35 -10.66
C ASN B 76 -16.76 33.65 -11.07
N VAL B 77 -16.59 34.64 -11.97
CA VAL B 77 -15.31 35.15 -12.49
C VAL B 77 -14.47 35.75 -11.36
N GLU B 78 -15.15 36.30 -10.31
CA GLU B 78 -14.46 36.83 -9.12
C GLU B 78 -13.69 35.69 -8.40
N CYS B 79 -14.32 34.48 -8.28
CA CYS B 79 -13.68 33.32 -7.68
C CYS B 79 -12.61 32.75 -8.62
N GLN B 80 -12.94 32.67 -9.94
CA GLN B 80 -12.06 32.17 -11.01
C GLN B 80 -10.75 32.97 -11.09
N LYS B 81 -10.84 34.31 -11.23
CA LYS B 81 -9.72 35.26 -11.28
C LYS B 81 -8.86 35.14 -10.02
N GLU B 82 -9.49 35.08 -8.82
CA GLU B 82 -8.79 35.03 -7.55
C GLU B 82 -8.13 33.66 -7.29
N ASP B 83 -8.72 32.55 -7.79
CA ASP B 83 -8.12 31.22 -7.60
C ASP B 83 -7.04 30.90 -8.65
N TRP B 84 -7.08 31.58 -9.82
CA TRP B 84 -6.15 31.39 -10.94
C TRP B 84 -4.66 31.21 -10.50
N PRO B 85 -4.04 32.01 -9.59
CA PRO B 85 -2.62 31.76 -9.25
C PRO B 85 -2.33 30.39 -8.65
N MET B 86 -3.33 29.77 -7.99
CA MET B 86 -3.18 28.42 -7.41
C MET B 86 -3.62 27.37 -8.45
N HIS B 87 -4.76 27.62 -9.13
CA HIS B 87 -5.32 26.68 -10.10
C HIS B 87 -4.41 26.48 -11.35
N LYS B 88 -3.66 27.53 -11.79
CA LYS B 88 -2.74 27.51 -12.94
C LYS B 88 -1.74 26.36 -12.87
N LEU B 89 -1.31 25.99 -11.63
CA LEU B 89 -0.36 24.92 -11.32
C LEU B 89 -0.88 23.54 -11.75
N GLU B 90 -2.23 23.41 -11.85
CA GLU B 90 -2.92 22.16 -12.17
C GLU B 90 -3.81 22.22 -13.39
N CYS B 91 -4.25 23.42 -13.79
CA CYS B 91 -5.16 23.61 -14.91
C CYS B 91 -4.59 23.01 -16.19
N SER B 92 -3.42 23.49 -16.66
CA SER B 92 -2.79 22.95 -17.86
C SER B 92 -2.34 21.49 -17.68
N PRO B 93 -1.66 21.07 -16.55
CA PRO B 93 -1.24 19.65 -16.43
C PRO B 93 -2.40 18.66 -16.41
N MET B 94 -3.53 19.01 -15.75
CA MET B 94 -4.73 18.14 -15.70
C MET B 94 -5.20 17.75 -17.11
N VAL B 95 -5.02 18.65 -18.09
CA VAL B 95 -5.39 18.47 -19.50
C VAL B 95 -4.33 17.62 -20.24
N VAL B 96 -3.04 17.77 -19.87
CA VAL B 96 -1.92 17.04 -20.49
C VAL B 96 -1.95 15.56 -20.06
N PHE B 97 -2.03 15.31 -18.74
CA PHE B 97 -2.02 13.99 -18.12
C PHE B 97 -3.38 13.28 -18.16
N GLY B 98 -4.45 14.04 -18.29
CA GLY B 98 -5.81 13.52 -18.33
C GLY B 98 -6.18 12.79 -17.06
N GLU B 99 -6.37 11.47 -17.15
CA GLU B 99 -6.69 10.58 -16.02
C GLU B 99 -5.40 10.10 -15.31
N ASN B 100 -4.22 10.39 -15.90
CA ASN B 100 -2.91 10.03 -15.35
C ASN B 100 -2.43 11.05 -14.32
N TRP B 101 -3.15 12.19 -14.20
CA TRP B 101 -2.86 13.24 -13.24
C TRP B 101 -3.40 12.71 -11.89
N ASN B 102 -2.49 12.29 -11.00
CA ASN B 102 -2.84 11.72 -9.69
C ASN B 102 -1.89 12.16 -8.56
N PRO B 103 -1.55 13.48 -8.40
CA PRO B 103 -0.71 13.84 -7.24
C PRO B 103 -1.53 13.65 -5.96
N SER B 104 -0.88 13.29 -4.84
CA SER B 104 -1.59 13.15 -3.57
C SER B 104 -2.01 14.53 -3.10
N GLU B 105 -2.97 14.58 -2.15
CA GLU B 105 -3.46 15.84 -1.60
C GLU B 105 -2.34 16.62 -0.92
N THR B 106 -1.36 15.90 -0.36
CA THR B 106 -0.22 16.51 0.31
C THR B 106 0.64 17.22 -0.74
N VAL B 107 0.88 16.57 -1.89
CA VAL B 107 1.64 17.15 -3.02
C VAL B 107 0.89 18.39 -3.58
N ARG B 108 -0.46 18.33 -3.63
CA ARG B 108 -1.30 19.39 -4.13
C ARG B 108 -1.17 20.61 -3.25
N LEU B 109 -1.19 20.38 -1.92
CA LEU B 109 -1.07 21.47 -0.95
C LEU B 109 0.34 22.07 -0.94
N THR B 110 1.37 21.23 -0.91
CA THR B 110 2.77 21.66 -0.83
C THR B 110 3.14 22.50 -2.09
N ALA B 111 2.50 22.24 -3.24
CA ALA B 111 2.74 23.01 -4.47
C ALA B 111 2.20 24.45 -4.32
N ARG B 112 1.06 24.62 -3.66
CA ARG B 112 0.42 25.89 -3.37
C ARG B 112 1.29 26.72 -2.44
N ILE B 113 1.89 26.06 -1.40
CA ILE B 113 2.82 26.64 -0.41
C ILE B 113 4.01 27.26 -1.13
N LEU B 114 4.58 26.52 -2.11
CA LEU B 114 5.72 26.99 -2.89
C LEU B 114 5.31 28.14 -3.82
N ALA B 115 4.10 28.12 -4.36
CA ALA B 115 3.59 29.17 -5.25
C ALA B 115 3.32 30.45 -4.45
N LYS B 116 2.80 30.28 -3.20
CA LYS B 116 2.50 31.37 -2.26
C LYS B 116 3.80 31.97 -1.68
N GLN B 117 4.88 31.20 -1.61
CA GLN B 117 6.17 31.71 -1.11
C GLN B 117 6.86 32.54 -2.20
N LYS B 118 6.63 32.19 -3.48
CA LYS B 118 7.20 32.92 -4.61
C LYS B 118 6.40 34.21 -4.90
N ILE B 119 5.07 34.17 -4.68
CA ILE B 119 4.17 35.30 -4.93
C ILE B 119 3.98 36.20 -3.68
N HIS B 120 4.18 35.66 -2.46
CA HIS B 120 4.02 36.39 -1.20
C HIS B 120 5.13 35.99 -0.19
N PRO B 121 6.44 36.33 -0.43
CA PRO B 121 7.51 35.92 0.51
C PRO B 121 7.41 36.57 1.89
N GLU B 122 6.76 37.77 1.96
CA GLU B 122 6.52 38.53 3.19
C GLU B 122 5.49 37.79 4.10
N ARG B 123 5.31 38.24 5.35
CA ARG B 123 4.38 37.62 6.28
C ARG B 123 2.91 37.85 5.84
N THR B 124 2.04 36.90 6.16
CA THR B 124 0.61 36.93 5.81
C THR B 124 -0.26 37.11 7.07
N PRO B 125 -1.57 37.48 6.97
CA PRO B 125 -2.42 37.62 8.18
C PRO B 125 -2.72 36.29 8.89
N SER B 126 -2.37 35.17 8.23
CA SER B 126 -2.52 33.79 8.68
C SER B 126 -1.41 33.46 9.64
N GLU B 127 -0.24 34.17 9.52
CA GLU B 127 0.97 33.96 10.34
C GLU B 127 1.26 35.12 11.30
N LYS B 128 0.23 35.63 12.04
CA LYS B 128 0.36 36.76 13.00
C LYS B 128 1.17 36.40 14.25
N LEU B 129 1.20 35.12 14.64
CA LEU B 129 1.88 34.63 15.85
C LEU B 129 2.83 33.46 15.55
N LEU B 130 2.51 32.66 14.50
CA LEU B 130 3.35 31.53 14.09
C LEU B 130 3.50 31.51 12.58
N ALA B 131 4.76 31.51 12.11
CA ALA B 131 5.09 31.50 10.70
C ALA B 131 5.24 30.08 10.18
N VAL B 132 4.94 29.88 8.90
CA VAL B 132 5.01 28.59 8.21
C VAL B 132 6.44 28.05 8.24
N LYS B 133 7.46 28.93 8.11
CA LYS B 133 8.86 28.51 8.15
C LYS B 133 9.28 28.09 9.55
N GLU B 134 8.60 28.64 10.59
CA GLU B 134 8.82 28.30 11.99
C GLU B 134 8.28 26.90 12.33
N PHE B 135 7.36 26.33 11.47
CA PHE B 135 6.75 24.99 11.64
C PHE B 135 7.74 23.88 11.98
N GLU B 136 7.30 22.98 12.86
CA GLU B 136 8.04 21.79 13.28
C GLU B 136 7.90 20.77 12.16
N SER B 137 9.03 20.16 11.75
CA SER B 137 9.10 19.14 10.72
C SER B 137 9.14 17.74 11.29
N HIS B 138 9.80 17.60 12.47
CA HIS B 138 10.05 16.32 13.16
C HIS B 138 10.91 15.37 12.32
N LEU B 139 11.68 15.92 11.34
CA LEU B 139 12.46 15.13 10.39
C LEU B 139 13.41 14.13 11.07
N ASP B 140 14.05 14.56 12.16
CA ASP B 140 14.96 13.71 12.94
C ASP B 140 14.24 12.48 13.57
N LYS B 141 12.91 12.48 13.67
CA LYS B 141 12.15 11.38 14.31
C LYS B 141 11.45 10.43 13.30
N LEU B 142 11.48 10.78 12.02
CA LEU B 142 10.78 10.00 11.01
C LEU B 142 11.52 8.72 10.65
N ASP B 143 10.74 7.69 10.31
CA ASP B 143 11.28 6.39 9.90
C ASP B 143 11.44 6.35 8.39
N ASN B 144 12.29 5.44 7.89
CA ASN B 144 12.61 5.27 6.47
C ASN B 144 11.37 5.07 5.60
N GLU B 145 10.26 4.50 6.14
CA GLU B 145 9.00 4.30 5.42
C GLU B 145 8.38 5.67 5.09
N LYS B 146 8.31 6.55 6.12
CA LYS B 146 7.81 7.91 6.02
C LYS B 146 8.70 8.73 5.08
N LYS B 147 10.03 8.57 5.23
CA LYS B 147 11.06 9.28 4.46
C LYS B 147 11.04 8.84 2.97
N ASP B 148 10.64 7.59 2.70
CA ASP B 148 10.45 7.06 1.34
C ASP B 148 9.22 7.74 0.68
N LEU B 149 8.11 7.90 1.43
CA LEU B 149 6.90 8.63 0.99
C LEU B 149 7.19 10.13 0.73
N ILE B 150 8.08 10.80 1.54
CA ILE B 150 8.47 12.22 1.28
C ILE B 150 9.17 12.29 -0.12
N GLN B 151 10.12 11.35 -0.38
CA GLN B 151 10.84 11.24 -1.64
C GLN B 151 9.89 10.94 -2.82
N SER B 152 8.88 10.08 -2.60
CA SER B 152 7.88 9.76 -3.62
C SER B 152 6.95 10.96 -3.84
N ASP B 153 6.74 11.80 -2.80
CA ASP B 153 5.95 13.03 -2.87
C ASP B 153 6.73 14.13 -3.61
N ILE B 154 8.08 14.15 -3.47
CA ILE B 154 8.95 15.08 -4.17
C ILE B 154 8.98 14.69 -5.65
N ALA B 155 9.06 13.39 -5.91
CA ALA B 155 9.05 12.83 -7.26
C ALA B 155 7.76 13.26 -8.02
N ALA B 156 6.59 13.18 -7.36
CA ALA B 156 5.29 13.54 -7.92
C ALA B 156 5.17 15.06 -8.14
N LEU B 157 5.65 15.88 -7.20
CA LEU B 157 5.70 17.34 -7.33
C LEU B 157 6.44 17.72 -8.63
N HIS B 158 7.64 17.16 -8.82
CA HIS B 158 8.44 17.40 -10.02
C HIS B 158 7.72 16.88 -11.23
N HIS B 159 7.21 15.63 -11.18
CA HIS B 159 6.51 14.99 -12.30
C HIS B 159 5.27 15.78 -12.75
N PHE B 160 4.38 16.17 -11.84
CA PHE B 160 3.13 16.83 -12.20
C PHE B 160 3.16 18.39 -12.25
N TYR B 161 4.11 19.06 -11.56
CA TYR B 161 4.14 20.53 -11.50
C TYR B 161 5.43 21.20 -12.01
N SER B 162 6.31 20.50 -12.74
CA SER B 162 7.59 21.10 -13.19
C SER B 162 7.43 22.26 -14.22
N LYS B 163 6.29 22.34 -14.94
CA LYS B 163 6.07 23.41 -15.92
C LYS B 163 5.51 24.68 -15.26
N HIS B 164 4.99 24.56 -14.02
CA HIS B 164 4.38 25.70 -13.35
C HIS B 164 5.07 26.04 -12.02
N LEU B 165 6.26 25.47 -11.75
CA LEU B 165 6.99 25.75 -10.52
C LEU B 165 8.50 25.75 -10.64
N GLU B 166 9.14 26.57 -9.79
CA GLU B 166 10.58 26.66 -9.61
C GLU B 166 10.80 26.05 -8.22
N PHE B 167 11.42 24.84 -8.19
CA PHE B 167 11.60 24.06 -6.97
C PHE B 167 12.90 24.35 -6.21
N PRO B 168 12.87 24.29 -4.85
CA PRO B 168 14.13 24.39 -4.10
C PRO B 168 14.87 23.03 -4.12
N ASP B 169 16.07 22.96 -3.54
CA ASP B 169 16.81 21.68 -3.47
C ASP B 169 16.05 20.63 -2.61
N ASN B 170 16.22 19.34 -2.94
CA ASN B 170 15.61 18.17 -2.27
C ASN B 170 15.55 18.35 -0.75
N ASP B 171 16.70 18.74 -0.14
CA ASP B 171 16.90 19.02 1.28
C ASP B 171 15.82 19.92 1.87
N SER B 172 15.48 21.04 1.18
CA SER B 172 14.42 21.99 1.57
C SER B 172 13.09 21.33 1.50
N LEU B 173 12.80 20.64 0.39
CA LEU B 173 11.51 19.99 0.12
C LEU B 173 11.23 18.88 1.10
N VAL B 174 12.25 18.14 1.53
CA VAL B 174 12.10 17.09 2.54
C VAL B 174 11.55 17.74 3.84
N VAL B 175 12.20 18.85 4.27
CA VAL B 175 11.81 19.62 5.44
C VAL B 175 10.38 20.11 5.27
N LEU B 176 10.09 20.77 4.14
CA LEU B 176 8.77 21.34 3.86
C LEU B 176 7.69 20.25 3.83
N PHE B 177 7.95 19.08 3.17
CA PHE B 177 6.97 17.98 3.14
C PHE B 177 6.76 17.40 4.54
N ALA B 178 7.81 17.33 5.36
CA ALA B 178 7.69 16.85 6.74
C ALA B 178 6.79 17.84 7.55
N GLN B 179 7.02 19.16 7.36
CA GLN B 179 6.30 20.24 8.01
C GLN B 179 4.80 20.13 7.73
N VAL B 180 4.42 19.88 6.45
CA VAL B 180 3.03 19.78 5.98
C VAL B 180 2.32 18.56 6.59
N ASN B 181 3.03 17.41 6.68
CA ASN B 181 2.55 16.15 7.25
C ASN B 181 2.09 16.28 8.69
N CYS B 182 2.78 17.05 9.51
CA CYS B 182 2.32 17.17 10.89
C CYS B 182 1.53 18.47 11.14
N ASN B 183 1.59 19.46 10.20
CA ASN B 183 0.95 20.76 10.39
C ASN B 183 -0.34 21.01 9.51
N GLY B 184 -0.61 20.13 8.55
CA GLY B 184 -1.76 20.29 7.68
C GLY B 184 -3.07 19.98 8.38
N PHE B 185 -4.11 20.77 8.10
CA PHE B 185 -5.46 20.53 8.60
C PHE B 185 -6.38 19.95 7.49
N THR B 186 -7.30 19.09 7.86
CA THR B 186 -8.28 18.63 6.90
C THR B 186 -9.53 19.46 7.16
N ILE B 187 -10.06 20.06 6.10
CA ILE B 187 -11.29 20.81 6.27
C ILE B 187 -12.41 19.77 6.15
N GLU B 188 -13.42 19.86 7.04
CA GLU B 188 -14.54 18.93 7.02
C GLU B 188 -15.85 19.66 6.98
N ASP B 189 -16.88 19.00 6.42
CA ASP B 189 -18.24 19.56 6.28
C ASP B 189 -19.03 19.32 7.57
N GLU B 190 -20.30 19.79 7.62
CA GLU B 190 -21.20 19.67 8.79
C GLU B 190 -21.38 18.17 9.23
N GLU B 191 -21.25 17.20 8.27
CA GLU B 191 -21.31 15.74 8.51
C GLU B 191 -19.88 15.10 8.68
N LEU B 192 -18.86 15.96 8.91
CA LEU B 192 -17.44 15.63 9.12
C LEU B 192 -16.77 14.93 7.90
N SER B 193 -17.35 15.11 6.70
CA SER B 193 -16.76 14.57 5.48
C SER B 193 -15.65 15.49 5.05
N HIS B 194 -14.52 14.89 4.62
CA HIS B 194 -13.29 15.55 4.13
C HIS B 194 -13.63 16.37 2.89
N LEU B 195 -13.43 17.67 2.96
CA LEU B 195 -13.68 18.56 1.85
C LEU B 195 -12.38 18.94 1.14
N GLY B 196 -11.30 18.90 1.89
CA GLY B 196 -9.98 19.27 1.43
C GLY B 196 -8.98 19.44 2.54
N SER B 197 -7.83 20.04 2.21
CA SER B 197 -6.70 20.23 3.14
C SER B 197 -6.26 21.70 3.14
N ALA B 198 -5.60 22.18 4.22
CA ALA B 198 -5.17 23.58 4.31
C ALA B 198 -4.14 23.86 5.43
N ILE B 199 -3.43 25.00 5.28
CA ILE B 199 -2.43 25.47 6.25
C ILE B 199 -3.03 26.60 7.08
N PHE B 200 -3.23 26.37 8.39
CA PHE B 200 -3.72 27.36 9.33
C PHE B 200 -2.60 27.60 10.37
N PRO B 201 -1.64 28.50 10.03
CA PRO B 201 -0.45 28.69 10.90
C PRO B 201 -0.74 29.12 12.35
N ASP B 202 -1.58 30.16 12.58
CA ASP B 202 -1.90 30.65 13.92
C ASP B 202 -2.67 29.60 14.74
N VAL B 203 -3.53 28.82 14.08
CA VAL B 203 -4.29 27.73 14.71
C VAL B 203 -3.35 26.64 15.22
N ALA B 204 -2.34 26.29 14.39
CA ALA B 204 -1.33 25.25 14.62
C ALA B 204 -0.44 25.52 15.86
N LEU B 205 -0.36 26.78 16.32
CA LEU B 205 0.44 27.17 17.49
C LEU B 205 -0.21 26.66 18.78
N MET B 206 -1.53 26.43 18.77
CA MET B 206 -2.24 25.96 19.97
C MET B 206 -1.78 24.59 20.39
N ASN B 207 -1.61 24.39 21.69
CA ASN B 207 -1.22 23.09 22.23
C ASN B 207 -2.44 22.18 22.39
N HIS B 208 -2.19 20.90 22.56
CA HIS B 208 -3.18 19.83 22.64
C HIS B 208 -3.63 19.55 24.09
N SER B 209 -4.89 19.09 24.23
CA SER B 209 -5.49 18.59 25.48
C SER B 209 -6.62 17.63 25.12
N CYS B 210 -6.76 16.56 25.89
CA CYS B 210 -7.84 15.57 25.74
C CYS B 210 -9.14 16.08 26.46
N CYS B 211 -9.08 17.30 27.00
CA CYS B 211 -10.22 18.06 27.56
C CYS B 211 -9.99 19.50 27.06
N PRO B 212 -10.05 19.70 25.71
CA PRO B 212 -9.81 21.04 25.15
C PRO B 212 -10.86 22.08 25.51
N ASN B 213 -10.43 23.33 25.47
CA ASN B 213 -11.29 24.45 25.78
C ASN B 213 -11.66 25.17 24.48
N VAL B 214 -11.15 24.69 23.33
CA VAL B 214 -11.53 25.26 22.03
C VAL B 214 -11.82 24.17 20.99
N ILE B 215 -12.64 24.51 19.99
CA ILE B 215 -13.02 23.69 18.85
C ILE B 215 -12.76 24.51 17.56
N VAL B 216 -12.11 23.85 16.60
CA VAL B 216 -11.84 24.42 15.29
C VAL B 216 -12.90 23.89 14.32
N THR B 217 -13.59 24.84 13.68
CA THR B 217 -14.59 24.62 12.64
C THR B 217 -14.16 25.51 11.48
N TYR B 218 -14.80 25.34 10.29
CA TYR B 218 -14.44 26.17 9.13
C TYR B 218 -15.67 26.84 8.54
N LYS B 219 -15.51 28.13 8.20
CA LYS B 219 -16.53 28.91 7.50
C LYS B 219 -15.90 29.14 6.12
N GLY B 220 -16.14 28.20 5.21
CA GLY B 220 -15.53 28.20 3.89
C GLY B 220 -14.13 27.64 4.04
N THR B 221 -13.10 28.44 3.67
CA THR B 221 -11.66 28.08 3.81
C THR B 221 -11.11 28.77 5.09
N LEU B 222 -11.99 29.37 5.90
CA LEU B 222 -11.58 30.10 7.09
C LEU B 222 -11.68 29.24 8.33
N ALA B 223 -10.58 29.16 9.09
CA ALA B 223 -10.58 28.42 10.34
C ALA B 223 -11.20 29.35 11.36
N GLU B 224 -12.08 28.81 12.21
CA GLU B 224 -12.70 29.55 13.27
C GLU B 224 -12.48 28.77 14.54
N VAL B 225 -12.00 29.46 15.58
CA VAL B 225 -11.67 28.85 16.87
C VAL B 225 -12.63 29.45 17.96
N ARG B 226 -13.50 28.59 18.50
CA ARG B 226 -14.47 28.95 19.52
C ARG B 226 -14.29 28.17 20.83
N ALA B 227 -14.50 28.84 21.96
CA ALA B 227 -14.42 28.28 23.30
C ALA B 227 -15.50 27.19 23.52
N VAL B 228 -15.16 26.09 24.23
CA VAL B 228 -16.11 24.99 24.53
C VAL B 228 -16.21 24.76 26.05
N GLN B 229 -15.44 25.56 26.80
CA GLN B 229 -15.33 25.64 28.25
C GLN B 229 -15.03 27.11 28.50
N GLU B 230 -15.34 27.61 29.70
CA GLU B 230 -15.00 29.00 30.06
C GLU B 230 -13.46 29.10 30.13
N ILE B 231 -12.92 30.21 29.60
CA ILE B 231 -11.49 30.45 29.58
C ILE B 231 -11.21 31.77 30.33
N LYS B 232 -10.55 31.66 31.47
CA LYS B 232 -10.16 32.78 32.33
C LYS B 232 -8.89 33.47 31.78
N PRO B 233 -8.63 34.76 32.13
CA PRO B 233 -7.39 35.41 31.63
C PRO B 233 -6.14 34.76 32.18
N GLY B 234 -5.18 34.53 31.31
CA GLY B 234 -3.94 33.86 31.63
C GLY B 234 -3.95 32.36 31.37
N GLU B 235 -5.16 31.76 31.23
CA GLU B 235 -5.30 30.33 30.96
C GLU B 235 -4.86 30.03 29.52
N GLU B 236 -4.26 28.82 29.30
CA GLU B 236 -3.82 28.37 27.99
C GLU B 236 -4.99 27.87 27.12
N VAL B 237 -4.91 28.16 25.83
CA VAL B 237 -5.88 27.77 24.81
C VAL B 237 -5.43 26.44 24.25
N PHE B 238 -6.23 25.40 24.46
CA PHE B 238 -5.99 24.03 24.02
C PHE B 238 -7.07 23.50 23.11
N THR B 239 -6.61 22.78 22.10
CA THR B 239 -7.42 22.09 21.11
C THR B 239 -7.10 20.58 21.21
N SER B 240 -7.82 19.76 20.46
CA SER B 240 -7.53 18.32 20.40
C SER B 240 -6.95 17.99 19.04
N TYR B 241 -5.81 17.32 19.02
CA TYR B 241 -5.17 16.90 17.76
C TYR B 241 -5.69 15.52 17.34
N ILE B 242 -6.40 14.83 18.28
CA ILE B 242 -6.81 13.44 18.10
C ILE B 242 -8.29 13.22 18.38
N ASP B 243 -8.79 12.04 17.97
CA ASP B 243 -10.15 11.56 18.19
C ASP B 243 -10.24 11.24 19.69
N LEU B 244 -11.17 11.90 20.39
CA LEU B 244 -11.26 11.79 21.82
C LEU B 244 -12.11 10.58 22.35
N LEU B 245 -12.70 9.75 21.45
CA LEU B 245 -13.52 8.59 21.81
C LEU B 245 -12.72 7.48 22.53
N TYR B 246 -11.50 7.26 22.07
CA TYR B 246 -10.60 6.17 22.45
C TYR B 246 -9.94 6.34 23.84
N PRO B 247 -9.57 5.18 24.49
CA PRO B 247 -8.89 5.25 25.81
C PRO B 247 -7.51 5.90 25.75
N THR B 248 -7.00 6.27 26.94
CA THR B 248 -5.75 6.98 27.16
C THR B 248 -4.60 6.35 26.33
N GLU B 249 -4.29 5.05 26.53
CA GLU B 249 -3.20 4.36 25.82
C GLU B 249 -3.28 4.58 24.30
N ASP B 250 -4.49 4.47 23.71
CA ASP B 250 -4.75 4.70 22.29
C ASP B 250 -4.47 6.14 21.93
N ARG B 251 -5.04 7.10 22.69
CA ARG B 251 -4.88 8.53 22.43
C ARG B 251 -3.43 8.92 22.33
N ASN B 252 -2.64 8.49 23.30
CA ASN B 252 -1.21 8.78 23.41
C ASN B 252 -0.38 8.12 22.33
N ASP B 253 -0.83 6.92 21.86
CA ASP B 253 -0.16 6.21 20.79
C ASP B 253 -0.36 6.95 19.48
N ARG B 254 -1.54 7.57 19.30
CA ARG B 254 -1.88 8.32 18.10
C ARG B 254 -1.13 9.66 18.06
N LEU B 255 -0.85 10.25 19.23
CA LEU B 255 -0.09 11.52 19.36
C LEU B 255 1.38 11.28 19.13
N ARG B 256 1.92 10.18 19.69
CA ARG B 256 3.31 9.77 19.52
C ARG B 256 3.61 9.51 18.04
N ASP B 257 2.68 8.81 17.33
CA ASP B 257 2.83 8.47 15.92
C ASP B 257 3.06 9.67 15.04
N SER B 258 2.18 10.67 15.11
CA SER B 258 2.22 11.85 14.24
C SER B 258 2.92 13.10 14.83
N TYR B 259 2.99 13.27 16.16
CA TYR B 259 3.53 14.50 16.77
C TYR B 259 4.64 14.24 17.77
N PHE B 260 4.97 12.95 17.98
CA PHE B 260 6.08 12.48 18.80
C PHE B 260 6.15 13.15 20.18
N PHE B 261 5.01 13.19 20.90
CA PHE B 261 4.89 13.65 22.28
C PHE B 261 3.82 12.82 23.01
N THR B 262 3.93 12.75 24.34
CA THR B 262 2.94 12.12 25.22
C THR B 262 2.13 13.25 25.92
N CYS B 263 0.82 13.08 26.07
CA CYS B 263 -0.02 14.07 26.74
C CYS B 263 -0.04 13.83 28.26
N GLU B 264 -0.17 14.95 29.00
CA GLU B 264 -0.19 15.10 30.46
C GLU B 264 -1.48 15.82 30.98
N CYS B 265 -2.54 15.91 30.16
CA CYS B 265 -3.81 16.55 30.60
C CYS B 265 -4.46 15.74 31.77
N GLN B 266 -5.50 16.33 32.42
CA GLN B 266 -6.25 15.74 33.53
C GLN B 266 -6.77 14.35 33.19
N GLU B 267 -7.38 14.23 31.99
CA GLU B 267 -7.96 13.01 31.46
C GLU B 267 -6.92 11.90 31.27
N CYS B 268 -5.71 12.25 30.83
CA CYS B 268 -4.63 11.28 30.63
C CYS B 268 -3.99 10.85 31.94
N THR B 269 -3.90 11.79 32.90
CA THR B 269 -3.26 11.61 34.20
C THR B 269 -4.15 10.79 35.12
N THR B 270 -5.43 11.19 35.30
CA THR B 270 -6.36 10.48 36.16
C THR B 270 -6.97 9.25 35.47
N LYS B 271 -7.20 9.28 34.13
CA LYS B 271 -7.76 8.18 33.33
C LYS B 271 -9.18 7.79 33.81
N ASP B 272 -9.95 8.79 34.26
CA ASP B 272 -11.28 8.62 34.85
C ASP B 272 -12.35 8.08 33.88
N LYS B 273 -12.25 8.39 32.56
CA LYS B 273 -13.20 7.93 31.54
C LYS B 273 -12.74 6.62 30.89
N ASP B 274 -11.52 6.13 31.22
CA ASP B 274 -10.97 4.89 30.65
C ASP B 274 -11.88 3.70 30.94
N LYS B 275 -12.22 3.44 32.23
CA LYS B 275 -13.09 2.36 32.69
C LYS B 275 -14.41 2.27 31.90
N ALA B 276 -15.06 3.42 31.63
CA ALA B 276 -16.30 3.45 30.88
C ALA B 276 -16.09 3.21 29.37
N LYS B 277 -14.95 3.69 28.80
CA LYS B 277 -14.56 3.52 27.39
C LYS B 277 -14.30 2.05 27.09
N VAL B 278 -13.71 1.33 28.07
CA VAL B 278 -13.46 -0.10 27.94
C VAL B 278 -14.42 -0.80 28.92
N GLU B 279 -15.73 -0.76 28.60
CA GLU B 279 -16.79 -1.37 29.41
C GLU B 279 -16.77 -2.87 29.17
N ILE B 280 -16.24 -3.63 30.14
CA ILE B 280 -16.11 -5.08 30.08
C ILE B 280 -17.42 -5.77 30.49
N LYS B 288 -11.58 -11.42 33.27
CA LYS B 288 -10.18 -11.82 33.29
C LYS B 288 -9.28 -10.70 32.82
N ALA B 289 -8.12 -10.51 33.46
CA ALA B 289 -7.15 -9.47 33.11
C ALA B 289 -6.45 -9.81 31.79
N GLU B 290 -6.09 -11.10 31.61
CA GLU B 290 -5.44 -11.61 30.40
C GLU B 290 -6.34 -11.39 29.17
N ALA B 291 -7.61 -11.85 29.26
CA ALA B 291 -8.65 -11.75 28.23
C ALA B 291 -8.98 -10.30 27.87
N ILE B 292 -9.01 -9.40 28.89
CA ILE B 292 -9.27 -7.97 28.69
C ILE B 292 -8.18 -7.37 27.79
N ARG B 293 -6.90 -7.63 28.14
CA ARG B 293 -5.72 -7.17 27.39
C ARG B 293 -5.56 -7.92 26.06
N ASP B 294 -6.16 -9.12 25.94
CA ASP B 294 -6.12 -9.94 24.72
C ASP B 294 -7.08 -9.44 23.65
N MET B 295 -8.28 -8.99 24.09
CA MET B 295 -9.35 -8.49 23.25
C MET B 295 -9.04 -7.10 22.74
N VAL B 296 -8.59 -6.19 23.63
CA VAL B 296 -8.22 -4.82 23.28
C VAL B 296 -7.14 -4.85 22.20
N ARG B 297 -6.09 -5.70 22.39
CA ARG B 297 -5.00 -5.88 21.44
C ARG B 297 -5.51 -6.44 20.09
N TYR B 298 -6.61 -7.24 20.10
CA TYR B 298 -7.27 -7.78 18.90
C TYR B 298 -8.09 -6.67 18.22
N ALA B 299 -8.81 -5.86 19.04
CA ALA B 299 -9.69 -4.77 18.63
C ALA B 299 -8.91 -3.71 17.91
N ARG B 300 -7.79 -3.25 18.53
CA ARG B 300 -6.92 -2.23 17.93
C ARG B 300 -6.46 -2.68 16.53
N ASN B 301 -6.10 -3.98 16.38
CA ASN B 301 -5.64 -4.61 15.14
C ASN B 301 -6.72 -4.67 14.07
N VAL B 302 -7.99 -5.01 14.42
CA VAL B 302 -9.07 -5.09 13.42
C VAL B 302 -9.52 -3.70 12.96
N ILE B 303 -9.37 -2.68 13.82
CA ILE B 303 -9.68 -1.29 13.50
C ILE B 303 -8.74 -0.88 12.36
N GLU B 304 -7.46 -1.25 12.49
CA GLU B 304 -6.40 -1.03 11.51
C GLU B 304 -6.56 -1.93 10.30
N GLU B 305 -7.00 -3.20 10.50
CA GLU B 305 -7.21 -4.15 9.39
C GLU B 305 -8.32 -3.64 8.50
N PHE B 306 -9.45 -3.21 9.10
CA PHE B 306 -10.61 -2.63 8.41
C PHE B 306 -10.21 -1.37 7.63
N ARG B 307 -9.31 -0.52 8.21
CA ARG B 307 -8.79 0.72 7.61
C ARG B 307 -8.14 0.42 6.25
N ARG B 308 -7.32 -0.65 6.17
CA ARG B 308 -6.64 -1.10 4.94
C ARG B 308 -7.64 -1.85 4.01
N ALA B 309 -8.63 -2.54 4.60
CA ALA B 309 -9.65 -3.29 3.88
C ALA B 309 -10.60 -2.37 3.09
N LYS B 310 -10.92 -1.17 3.62
CA LYS B 310 -11.78 -0.18 2.94
C LYS B 310 -11.16 0.30 1.60
N HIS B 311 -9.82 0.20 1.46
CA HIS B 311 -9.06 0.59 0.28
C HIS B 311 -9.14 -0.44 -0.88
N TYR B 312 -9.72 -1.65 -0.66
CA TYR B 312 -9.80 -2.64 -1.74
C TYR B 312 -11.02 -3.59 -1.62
N LYS B 313 -11.37 -4.05 -0.40
CA LYS B 313 -12.50 -4.98 -0.18
C LYS B 313 -13.86 -4.35 -0.56
N SER B 314 -14.82 -5.20 -0.96
CA SER B 314 -16.18 -4.83 -1.34
C SER B 314 -17.06 -4.52 -0.10
N PRO B 315 -18.10 -3.62 -0.19
CA PRO B 315 -18.94 -3.35 0.99
C PRO B 315 -19.60 -4.59 1.59
N SER B 316 -19.89 -5.60 0.76
CA SER B 316 -20.47 -6.88 1.18
C SER B 316 -19.52 -7.62 2.14
N GLU B 317 -18.20 -7.51 1.88
CA GLU B 317 -17.16 -8.12 2.70
C GLU B 317 -16.87 -7.28 3.94
N LEU B 318 -16.87 -5.94 3.79
CA LEU B 318 -16.61 -4.99 4.87
C LEU B 318 -17.69 -5.04 5.94
N LEU B 319 -18.97 -5.14 5.53
CA LEU B 319 -20.12 -5.25 6.44
C LEU B 319 -20.00 -6.51 7.31
N GLU B 320 -19.53 -7.63 6.71
CA GLU B 320 -19.29 -8.90 7.38
C GLU B 320 -18.11 -8.79 8.35
N ILE B 321 -17.09 -7.99 7.98
CA ILE B 321 -15.89 -7.77 8.81
C ILE B 321 -16.27 -7.01 10.09
N CYS B 322 -17.26 -6.08 10.03
CA CYS B 322 -17.74 -5.34 11.21
C CYS B 322 -18.62 -6.22 12.06
N GLU B 323 -19.45 -7.07 11.41
CA GLU B 323 -20.39 -8.01 12.01
C GLU B 323 -19.66 -9.10 12.80
N LEU B 324 -18.64 -9.75 12.16
CA LEU B 324 -17.79 -10.79 12.74
C LEU B 324 -16.97 -10.24 13.91
N SER B 325 -16.46 -8.98 13.78
CA SER B 325 -15.68 -8.28 14.82
C SER B 325 -16.48 -8.12 16.10
N GLN B 326 -17.70 -7.53 16.00
CA GLN B 326 -18.63 -7.30 17.10
C GLN B 326 -19.01 -8.60 17.81
N GLU B 327 -19.04 -9.73 17.05
CA GLU B 327 -19.35 -11.06 17.58
C GLU B 327 -18.21 -11.54 18.50
N LYS B 328 -16.94 -11.47 18.02
CA LYS B 328 -15.75 -11.85 18.80
C LYS B 328 -15.63 -11.04 20.10
N MET B 329 -15.73 -9.69 19.99
CA MET B 329 -15.63 -8.70 21.06
C MET B 329 -16.72 -8.81 22.15
N SER B 330 -17.96 -9.22 21.78
CA SER B 330 -19.13 -9.37 22.67
C SER B 330 -18.87 -10.29 23.85
N SER B 331 -17.87 -11.19 23.73
CA SER B 331 -17.44 -12.13 24.77
C SER B 331 -16.84 -11.38 25.95
N VAL B 332 -16.09 -10.28 25.68
CA VAL B 332 -15.41 -9.45 26.68
C VAL B 332 -16.10 -8.10 26.92
N PHE B 333 -16.33 -7.31 25.85
CA PHE B 333 -16.85 -5.94 25.84
C PHE B 333 -18.38 -5.79 25.69
N GLU B 334 -18.93 -4.72 26.32
CA GLU B 334 -20.34 -4.32 26.26
C GLU B 334 -20.69 -3.57 24.94
N ASP B 335 -21.97 -3.24 24.70
CA ASP B 335 -22.38 -2.50 23.48
C ASP B 335 -21.91 -1.03 23.52
N SER B 336 -21.77 -0.47 24.75
CA SER B 336 -21.31 0.89 25.07
C SER B 336 -19.82 1.11 24.74
N ASN B 337 -19.00 0.03 24.80
CA ASN B 337 -17.57 0.00 24.52
C ASN B 337 -17.21 0.75 23.20
N VAL B 338 -16.14 1.54 23.25
CA VAL B 338 -15.67 2.37 22.14
C VAL B 338 -15.19 1.52 20.94
N TYR B 339 -14.55 0.34 21.18
CA TYR B 339 -14.08 -0.53 20.08
C TYR B 339 -15.29 -1.17 19.35
N MET B 340 -16.41 -1.42 20.09
CA MET B 340 -17.68 -1.90 19.58
C MET B 340 -18.34 -0.80 18.70
N LEU B 341 -18.37 0.46 19.22
CA LEU B 341 -18.94 1.64 18.55
C LEU B 341 -18.17 2.07 17.32
N HIS B 342 -16.84 1.79 17.25
CA HIS B 342 -16.02 2.13 16.10
C HIS B 342 -16.50 1.28 14.91
N MET B 343 -16.63 -0.05 15.11
CA MET B 343 -17.09 -0.95 14.06
C MET B 343 -18.56 -0.69 13.69
N MET B 344 -19.37 -0.18 14.64
CA MET B 344 -20.78 0.15 14.39
C MET B 344 -20.87 1.38 13.48
N TYR B 345 -19.96 2.35 13.68
CA TYR B 345 -19.85 3.59 12.90
C TYR B 345 -19.46 3.22 11.46
N GLN B 346 -18.55 2.21 11.34
CA GLN B 346 -18.07 1.69 10.06
C GLN B 346 -19.18 0.95 9.34
N ALA B 347 -19.95 0.14 10.09
CA ALA B 347 -21.11 -0.58 9.58
C ALA B 347 -22.17 0.42 9.10
N MET B 348 -22.38 1.53 9.83
CA MET B 348 -23.31 2.60 9.44
C MET B 348 -22.86 3.26 8.11
N GLY B 349 -21.58 3.63 8.02
CA GLY B 349 -20.99 4.23 6.83
C GLY B 349 -21.03 3.35 5.60
N VAL B 350 -20.87 2.01 5.80
CA VAL B 350 -20.93 1.01 4.74
C VAL B 350 -22.37 0.85 4.20
N CYS B 351 -23.39 0.93 5.09
CA CYS B 351 -24.82 0.85 4.72
C CYS B 351 -25.26 2.02 3.84
N LEU B 352 -24.73 3.22 4.13
CA LEU B 352 -25.04 4.46 3.40
C LEU B 352 -24.50 4.39 1.97
N TYR B 353 -23.31 3.76 1.79
CA TYR B 353 -22.64 3.52 0.51
C TYR B 353 -23.53 2.65 -0.36
N MET B 354 -24.17 1.62 0.24
CA MET B 354 -25.08 0.70 -0.46
C MET B 354 -26.47 1.33 -0.68
N GLN B 355 -26.71 2.55 -0.12
CA GLN B 355 -27.94 3.35 -0.12
C GLN B 355 -29.01 2.68 0.77
N ASP B 356 -28.56 1.80 1.71
CA ASP B 356 -29.42 1.10 2.68
C ASP B 356 -29.73 2.10 3.78
N TRP B 357 -30.88 2.78 3.68
CA TRP B 357 -31.26 3.79 4.66
C TRP B 357 -31.72 3.15 5.96
N GLU B 358 -32.51 2.05 5.85
CA GLU B 358 -33.03 1.28 6.98
C GLU B 358 -31.91 0.73 7.88
N GLY B 359 -30.82 0.29 7.26
CA GLY B 359 -29.66 -0.29 7.92
C GLY B 359 -28.82 0.70 8.70
N ALA B 360 -28.48 1.85 8.07
CA ALA B 360 -27.65 2.90 8.68
C ALA B 360 -28.34 3.55 9.88
N LEU B 361 -29.69 3.72 9.82
CA LEU B 361 -30.52 4.25 10.90
C LEU B 361 -30.52 3.31 12.10
N GLN B 362 -30.44 1.97 11.83
CA GLN B 362 -30.39 0.93 12.87
C GLN B 362 -29.10 1.00 13.69
N TYR B 363 -27.95 1.29 13.03
CA TYR B 363 -26.64 1.43 13.71
C TYR B 363 -26.53 2.79 14.44
N GLY B 364 -26.93 3.86 13.76
CA GLY B 364 -26.96 5.23 14.30
C GLY B 364 -27.81 5.40 15.53
N GLN B 365 -28.88 4.58 15.67
CA GLN B 365 -29.76 4.59 16.84
C GLN B 365 -29.08 3.92 18.05
N LYS B 366 -28.15 2.98 17.76
CA LYS B 366 -27.39 2.18 18.70
C LYS B 366 -26.02 2.79 19.07
N ILE B 367 -25.62 3.89 18.39
CA ILE B 367 -24.33 4.53 18.67
C ILE B 367 -24.45 5.87 19.41
N ILE B 368 -25.47 6.67 19.07
CA ILE B 368 -25.69 8.06 19.53
C ILE B 368 -25.70 8.22 21.07
N LYS B 369 -26.47 7.41 21.83
CA LYS B 369 -26.52 7.55 23.30
C LYS B 369 -25.12 7.35 23.89
N PRO B 370 -24.39 6.21 23.68
CA PRO B 370 -23.04 6.11 24.27
C PRO B 370 -21.98 7.02 23.60
N TYR B 371 -22.19 7.41 22.31
CA TYR B 371 -21.30 8.32 21.57
C TYR B 371 -21.18 9.67 22.31
N SER B 372 -22.33 10.34 22.57
CA SER B 372 -22.45 11.62 23.29
C SER B 372 -21.84 11.53 24.70
N LYS B 373 -22.03 10.37 25.37
CA LYS B 373 -21.50 10.04 26.70
C LYS B 373 -19.95 9.99 26.72
N HIS B 374 -19.28 9.28 25.79
CA HIS B 374 -17.81 9.18 25.81
C HIS B 374 -17.13 10.48 25.30
N TYR B 375 -17.78 11.18 24.35
CA TYR B 375 -17.23 12.43 23.84
C TYR B 375 -17.50 13.62 24.81
N PRO B 376 -16.74 14.75 24.74
CA PRO B 376 -17.04 15.87 25.65
C PRO B 376 -18.33 16.60 25.25
N LEU B 377 -18.92 17.37 26.20
CA LEU B 377 -20.21 18.10 26.07
C LEU B 377 -20.41 18.74 24.69
N TYR B 378 -19.33 19.27 24.04
CA TYR B 378 -19.41 19.79 22.67
C TYR B 378 -18.39 19.07 21.85
N SER B 379 -18.89 18.34 20.85
CA SER B 379 -18.17 17.41 20.00
C SER B 379 -18.87 17.42 18.65
N LEU B 380 -18.07 17.63 17.58
CA LEU B 380 -18.55 17.71 16.21
C LEU B 380 -18.86 16.32 15.71
N ASN B 381 -18.25 15.32 16.36
CA ASN B 381 -18.44 13.90 16.07
C ASN B 381 -19.88 13.53 16.41
N VAL B 382 -20.37 14.07 17.54
CA VAL B 382 -21.72 13.87 18.05
C VAL B 382 -22.68 14.70 17.22
N ALA B 383 -22.32 15.98 16.91
CA ALA B 383 -23.15 16.87 16.08
C ALA B 383 -23.48 16.16 14.78
N SER B 384 -22.44 15.72 14.03
CA SER B 384 -22.57 15.01 12.76
C SER B 384 -23.29 13.65 12.93
N MET B 385 -23.19 13.01 14.10
CA MET B 385 -23.89 11.74 14.37
C MET B 385 -25.40 12.01 14.54
N TRP B 386 -25.77 13.14 15.17
CA TRP B 386 -27.16 13.54 15.33
C TRP B 386 -27.72 13.99 13.98
N LEU B 387 -26.87 14.62 13.17
CA LEU B 387 -27.17 15.16 11.83
C LEU B 387 -27.47 14.02 10.83
N LYS B 388 -26.66 12.94 10.85
CA LYS B 388 -26.80 11.74 10.03
C LYS B 388 -28.14 11.08 10.34
N LEU B 389 -28.47 10.97 11.65
CA LEU B 389 -29.70 10.40 12.19
C LEU B 389 -30.95 11.14 11.68
N GLY B 390 -30.99 12.46 11.90
CA GLY B 390 -32.06 13.36 11.51
C GLY B 390 -32.38 13.33 10.04
N ARG B 391 -31.32 13.34 9.21
CA ARG B 391 -31.41 13.28 7.75
C ARG B 391 -32.01 11.94 7.34
N LEU B 392 -31.63 10.86 8.06
CA LEU B 392 -32.16 9.51 7.81
C LEU B 392 -33.64 9.45 8.16
N TYR B 393 -34.05 10.09 9.28
CA TYR B 393 -35.45 10.15 9.71
C TYR B 393 -36.30 10.98 8.73
N MET B 394 -35.82 12.23 8.39
CA MET B 394 -36.50 13.19 7.50
C MET B 394 -36.81 12.60 6.12
N GLY B 395 -35.94 11.71 5.65
CA GLY B 395 -36.11 11.00 4.39
C GLY B 395 -37.25 10.01 4.51
N LEU B 396 -37.13 9.07 5.48
CA LEU B 396 -38.12 8.03 5.81
C LEU B 396 -39.45 8.64 6.35
N GLU B 397 -39.46 9.99 6.54
CA GLU B 397 -40.53 10.90 6.98
C GLU B 397 -40.95 10.70 8.47
N HIS B 398 -39.95 10.48 9.34
CA HIS B 398 -40.15 10.38 10.79
C HIS B 398 -39.87 11.82 11.29
N LYS B 399 -40.76 12.75 10.89
CA LYS B 399 -40.72 14.20 11.13
C LYS B 399 -40.35 14.59 12.55
N ALA B 400 -41.05 14.04 13.56
CA ALA B 400 -40.79 14.36 14.99
C ALA B 400 -39.38 13.94 15.42
N ALA B 401 -38.99 12.67 15.14
CA ALA B 401 -37.69 12.11 15.47
C ALA B 401 -36.58 12.82 14.69
N GLY B 402 -36.87 13.17 13.44
CA GLY B 402 -35.97 13.86 12.54
C GLY B 402 -35.69 15.29 12.93
N GLU B 403 -36.76 16.07 13.22
CA GLU B 403 -36.64 17.48 13.60
C GLU B 403 -35.97 17.62 14.98
N LYS B 404 -36.12 16.61 15.88
CA LYS B 404 -35.48 16.61 17.20
C LYS B 404 -33.98 16.33 17.04
N ALA B 405 -33.62 15.21 16.37
CA ALA B 405 -32.22 14.84 16.12
C ALA B 405 -31.45 15.97 15.43
N LEU B 406 -32.13 16.75 14.53
CA LEU B 406 -31.54 17.92 13.87
C LEU B 406 -31.29 19.05 14.89
N LYS B 407 -32.27 19.34 15.77
CA LYS B 407 -32.14 20.39 16.79
C LYS B 407 -31.05 20.02 17.81
N LYS B 408 -30.81 18.71 18.03
CA LYS B 408 -29.74 18.26 18.93
C LYS B 408 -28.38 18.43 18.26
N ALA B 409 -28.35 18.38 16.93
CA ALA B 409 -27.13 18.62 16.15
C ALA B 409 -26.89 20.14 16.17
N ILE B 410 -27.98 20.95 15.95
CA ILE B 410 -28.00 22.41 15.92
C ILE B 410 -27.47 22.96 17.24
N ALA B 411 -27.88 22.34 18.38
CA ALA B 411 -27.45 22.73 19.73
C ALA B 411 -25.93 22.82 19.82
N ILE B 412 -25.24 21.69 19.54
CA ILE B 412 -23.77 21.60 19.52
C ILE B 412 -23.19 22.55 18.47
N MET B 413 -23.82 22.62 17.30
CA MET B 413 -23.29 23.46 16.23
C MET B 413 -23.38 24.95 16.55
N GLU B 414 -24.42 25.45 17.25
CA GLU B 414 -24.48 26.87 17.60
C GLU B 414 -23.29 27.27 18.49
N VAL B 415 -22.79 26.32 19.28
CA VAL B 415 -21.64 26.54 20.15
C VAL B 415 -20.35 26.58 19.32
N ALA B 416 -20.01 25.44 18.69
CA ALA B 416 -18.80 25.20 17.92
C ALA B 416 -18.70 26.02 16.62
N HIS B 417 -19.82 26.19 15.92
CA HIS B 417 -19.93 26.89 14.64
C HIS B 417 -20.43 28.33 14.76
N GLY B 418 -21.08 28.66 15.87
CA GLY B 418 -21.66 30.00 15.99
C GLY B 418 -23.08 29.96 15.45
N LYS B 419 -23.98 30.75 16.05
CA LYS B 419 -25.40 30.76 15.72
C LYS B 419 -25.69 31.27 14.30
N ASP B 420 -24.80 32.12 13.76
CA ASP B 420 -24.94 32.75 12.43
C ASP B 420 -24.33 31.93 11.30
N HIS B 421 -23.67 30.80 11.62
CA HIS B 421 -23.00 29.95 10.63
C HIS B 421 -23.97 29.52 9.51
N PRO B 422 -23.53 29.56 8.22
CA PRO B 422 -24.41 29.17 7.10
C PRO B 422 -24.96 27.74 7.16
N TYR B 423 -24.32 26.87 7.95
CA TYR B 423 -24.74 25.49 8.16
C TYR B 423 -26.01 25.50 9.04
N ILE B 424 -26.08 26.40 10.04
CA ILE B 424 -27.23 26.57 10.92
C ILE B 424 -28.47 26.98 10.09
N SER B 425 -28.31 27.99 9.21
CA SER B 425 -29.36 28.51 8.31
C SER B 425 -29.88 27.39 7.38
N GLU B 426 -28.95 26.55 6.89
CA GLU B 426 -29.22 25.42 5.98
C GLU B 426 -30.01 24.31 6.69
N ILE B 427 -29.57 23.88 7.89
CA ILE B 427 -30.23 22.81 8.66
C ILE B 427 -31.60 23.31 9.19
N LYS B 428 -31.78 24.63 9.40
CA LYS B 428 -33.07 25.19 9.86
C LYS B 428 -34.12 25.09 8.74
N GLN B 429 -33.68 25.25 7.47
CA GLN B 429 -34.53 25.12 6.27
C GLN B 429 -34.98 23.67 6.10
N GLU B 430 -34.12 22.70 6.52
CA GLU B 430 -34.37 21.27 6.51
C GLU B 430 -35.51 20.90 7.47
N ILE B 431 -35.46 21.41 8.72
CA ILE B 431 -36.49 21.18 9.75
C ILE B 431 -37.86 21.73 9.32
N GLU B 432 -37.88 22.68 8.35
CA GLU B 432 -39.06 23.31 7.79
C GLU B 432 -39.51 22.65 6.46
N SER B 433 -38.71 21.69 5.93
CA SER B 433 -39.02 20.99 4.67
C SER B 433 -39.82 19.69 4.94
N HIS B 434 -39.27 18.77 5.75
CA HIS B 434 -39.91 17.50 6.06
C HIS B 434 -40.57 17.55 7.43
#